data_5GN9
#
_entry.id   5GN9
#
_cell.length_a   150.218
_cell.length_b   221.812
_cell.length_c   62.611
_cell.angle_alpha   90.00
_cell.angle_beta   114.64
_cell.angle_gamma   90.00
#
_symmetry.space_group_name_H-M   'C 1 2 1'
#
loop_
_entity.id
_entity.type
_entity.pdbx_description
1 polymer 'Alternative oxidase, mitochondrial'
2 non-polymer 'FE (III) ION'
3 non-polymer 4-butyl-7,8-bis(oxidanyl)chromen-2-one
#
_entity_poly.entity_id   1
_entity_poly.type   'polypeptide(L)'
_entity_poly.pdbx_seq_one_letter_code
;MFRNHASRITAAAAPWVLRTACRQKSDAKTPVWGHTQLNRLSFLETVPVVPLRVSDESSEDRPTWSLPDIENVAITHKKP
NGLVDTLAYRSVRTCRWLFDTFSLYRFGSITESKVISRCLFLETVAGVPGMVGGMLRHLSSLRYMTRDKGWINTLLVEAE
NERMHLMTFIELRQPGLPLRVSIIITQAIMYLFLLVAYVISPRFVHRFVGYLEEEAVITYTGVMRAIDEGRLRPTKNDVP
EVARVYWNLSKNATFRDLINVIRADEAEHRVVNHTFADMHEKRLQNSVNPFVVLKKNPEEMYSNQPSGKTRTDFGSEGAK
TASNVNKHV
;
_entity_poly.pdbx_strand_id   A,B,C,D
#
loop_
_chem_comp.id
_chem_comp.type
_chem_comp.name
_chem_comp.formula
6Y0 non-polymer 4-butyl-7,8-bis(oxidanyl)chromen-2-one 'C13 H14 O4'
FE non-polymer 'FE (III) ION' 'Fe 3'
#
# COMPACT_ATOMS: atom_id res chain seq x y z
N VAL A 32 -8.42 7.70 19.50
CA VAL A 32 -7.59 8.54 20.41
C VAL A 32 -6.48 9.32 19.70
N TRP A 33 -6.52 9.36 18.35
CA TRP A 33 -5.46 9.96 17.53
C TRP A 33 -5.90 11.40 17.18
N GLY A 34 -5.60 12.32 18.09
CA GLY A 34 -6.11 13.71 18.03
C GLY A 34 -4.99 14.72 17.91
N HIS A 35 -5.35 15.99 17.90
CA HIS A 35 -4.37 17.03 17.68
C HIS A 35 -3.30 17.07 18.78
N THR A 36 -3.64 16.60 19.97
CA THR A 36 -2.68 16.60 21.09
C THR A 36 -1.57 15.55 20.88
N GLN A 37 -1.86 14.57 20.03
CA GLN A 37 -0.90 13.50 19.66
C GLN A 37 -0.12 14.06 18.49
N LEU A 38 -0.87 14.52 17.47
CA LEU A 38 -0.35 15.28 16.30
C LEU A 38 0.63 16.38 16.62
N ASN A 39 0.46 17.06 17.76
CA ASN A 39 1.34 18.15 18.12
C ASN A 39 2.58 17.77 18.91
N ARG A 40 2.69 16.53 19.37
CA ARG A 40 3.93 16.09 20.02
C ARG A 40 5.02 15.93 18.98
N LEU A 41 6.21 16.49 19.23
CA LEU A 41 7.33 16.55 18.25
C LEU A 41 7.76 15.19 17.73
N SER A 42 8.04 14.26 18.66
CA SER A 42 8.40 12.87 18.34
C SER A 42 7.74 11.87 19.27
N PHE A 43 7.78 10.62 18.86
CA PHE A 43 7.20 9.52 19.62
C PHE A 43 8.26 8.42 19.81
N LEU A 44 9.54 8.79 19.73
CA LEU A 44 10.64 7.82 19.87
C LEU A 44 10.59 7.15 21.22
N GLU A 45 10.14 7.91 22.24
CA GLU A 45 10.16 7.48 23.65
C GLU A 45 9.07 6.45 23.98
N THR A 46 8.22 6.09 23.01
CA THR A 46 7.16 5.06 23.15
C THR A 46 7.48 3.72 22.51
N VAL A 47 8.62 3.62 21.81
CA VAL A 47 8.98 2.34 21.16
C VAL A 47 9.27 1.22 22.20
N PRO A 48 9.82 1.57 23.40
CA PRO A 48 9.94 0.62 24.51
C PRO A 48 8.65 -0.11 24.89
N VAL A 49 7.50 0.58 24.87
CA VAL A 49 6.26 0.01 25.43
C VAL A 49 5.24 -0.55 24.40
N VAL A 50 5.67 -0.72 23.15
CA VAL A 50 4.71 -1.04 22.11
C VAL A 50 4.92 -2.46 21.55
N PRO A 51 3.95 -3.40 21.75
CA PRO A 51 4.17 -4.83 21.43
C PRO A 51 4.43 -5.18 20.00
N LEU A 52 5.12 -6.30 19.80
CA LEU A 52 5.28 -6.92 18.49
C LEU A 52 4.00 -7.70 18.25
N ARG A 53 3.19 -7.22 17.30
CA ARG A 53 1.96 -7.92 16.95
C ARG A 53 2.05 -8.42 15.54
N VAL A 54 1.54 -9.63 15.35
CA VAL A 54 1.68 -10.31 14.10
C VAL A 54 0.63 -9.75 13.12
N SER A 55 -0.51 -9.31 13.64
CA SER A 55 -1.53 -8.56 12.84
C SER A 55 -0.94 -7.31 12.19
N ASP A 56 0.06 -6.69 12.81
CA ASP A 56 0.67 -5.49 12.27
C ASP A 56 1.74 -5.70 11.23
N GLU A 57 2.22 -6.93 11.02
CA GLU A 57 3.17 -7.20 9.91
C GLU A 57 2.67 -6.80 8.51
N SER A 58 1.40 -7.15 8.24
CA SER A 58 0.67 -6.78 7.01
C SER A 58 -0.12 -5.51 7.20
N SER A 59 -0.57 -4.97 6.06
CA SER A 59 -1.67 -4.00 5.99
C SER A 59 -2.93 -4.80 6.22
N GLU A 60 -4.04 -4.08 6.39
CA GLU A 60 -5.26 -4.71 6.88
C GLU A 60 -6.03 -5.40 5.79
N ASP A 61 -5.45 -5.48 4.60
CA ASP A 61 -6.12 -5.93 3.40
C ASP A 61 -5.78 -7.38 3.19
N ARG A 62 -6.42 -8.25 3.95
CA ARG A 62 -6.02 -9.65 3.97
C ARG A 62 -6.91 -10.49 3.03
N PRO A 63 -6.34 -11.54 2.39
CA PRO A 63 -7.20 -12.46 1.71
C PRO A 63 -8.07 -13.11 2.76
N THR A 64 -9.17 -13.69 2.27
CA THR A 64 -10.26 -14.24 3.10
C THR A 64 -10.85 -15.48 2.42
N TRP A 65 -9.99 -16.37 1.96
CA TRP A 65 -10.45 -17.55 1.30
C TRP A 65 -11.19 -18.43 2.31
N SER A 66 -12.10 -19.26 1.79
CA SER A 66 -12.73 -20.36 2.52
C SER A 66 -12.29 -21.62 1.80
N LEU A 67 -11.84 -22.59 2.58
CA LEU A 67 -10.94 -23.64 2.11
C LEU A 67 -11.52 -24.66 1.17
N PRO A 68 -12.76 -25.14 1.41
CA PRO A 68 -13.29 -26.20 0.50
C PRO A 68 -13.67 -25.66 -0.87
N ASP A 69 -13.93 -24.36 -0.98
CA ASP A 69 -14.01 -23.66 -2.27
C ASP A 69 -12.67 -23.71 -3.00
N ILE A 70 -11.65 -23.10 -2.39
CA ILE A 70 -10.39 -22.85 -3.09
C ILE A 70 -9.62 -24.12 -3.35
N GLU A 71 -9.99 -25.20 -2.66
CA GLU A 71 -9.64 -26.56 -3.04
C GLU A 71 -9.69 -26.70 -4.55
N ASN A 72 -10.77 -26.24 -5.16
CA ASN A 72 -10.97 -26.36 -6.63
C ASN A 72 -10.20 -25.41 -7.53
N VAL A 73 -9.19 -24.70 -7.03
CA VAL A 73 -8.31 -23.95 -7.95
C VAL A 73 -7.57 -24.91 -8.90
N ALA A 74 -7.37 -24.44 -10.12
CA ALA A 74 -7.03 -25.28 -11.24
C ALA A 74 -6.05 -24.60 -12.17
N ILE A 75 -5.25 -25.42 -12.83
CA ILE A 75 -4.16 -24.94 -13.68
C ILE A 75 -4.82 -24.50 -15.01
N THR A 76 -4.70 -23.21 -15.31
CA THR A 76 -5.16 -22.63 -16.54
C THR A 76 -3.93 -22.24 -17.37
N HIS A 77 -4.16 -21.94 -18.63
CA HIS A 77 -3.09 -21.40 -19.47
C HIS A 77 -3.65 -20.42 -20.48
N LYS A 78 -3.31 -19.16 -20.30
CA LYS A 78 -3.73 -18.17 -21.22
C LYS A 78 -2.88 -18.30 -22.46
N LYS A 79 -3.53 -18.43 -23.61
CA LYS A 79 -2.82 -18.38 -24.85
C LYS A 79 -2.17 -17.00 -24.97
N PRO A 80 -0.92 -16.95 -25.49
CA PRO A 80 -0.26 -15.69 -25.83
C PRO A 80 -0.74 -15.17 -27.14
N ASN A 81 -1.02 -13.87 -27.26
CA ASN A 81 -1.36 -13.28 -28.58
C ASN A 81 -0.15 -12.92 -29.37
N GLY A 82 0.50 -11.82 -29.05
CA GLY A 82 1.56 -11.29 -29.91
C GLY A 82 2.93 -11.89 -29.75
N LEU A 83 3.92 -11.17 -30.27
CA LEU A 83 5.33 -11.42 -29.95
C LEU A 83 5.51 -11.24 -28.46
N VAL A 84 5.06 -10.10 -27.96
CA VAL A 84 5.29 -9.76 -26.58
C VAL A 84 4.80 -10.83 -25.61
N ASP A 85 3.54 -11.24 -25.76
CA ASP A 85 3.00 -12.27 -24.85
C ASP A 85 3.84 -13.54 -24.95
N THR A 86 4.25 -13.88 -26.18
CA THR A 86 5.19 -14.98 -26.42
C THR A 86 6.55 -14.80 -25.71
N LEU A 87 7.16 -13.63 -25.90
CA LEU A 87 8.44 -13.35 -25.24
C LEU A 87 8.32 -13.49 -23.69
N ALA A 88 7.21 -12.99 -23.15
CA ALA A 88 6.96 -13.18 -21.73
C ALA A 88 6.90 -14.67 -21.41
N TYR A 89 6.25 -15.44 -22.26
CA TYR A 89 6.18 -16.85 -22.03
C TYR A 89 7.57 -17.52 -22.11
N ARG A 90 8.24 -17.41 -23.26
CA ARG A 90 9.50 -18.13 -23.44
C ARG A 90 10.39 -17.81 -22.28
N SER A 91 10.46 -16.54 -21.89
CA SER A 91 11.32 -16.18 -20.77
C SER A 91 10.82 -16.73 -19.40
N VAL A 92 9.52 -16.78 -19.18
CA VAL A 92 9.01 -17.45 -17.98
C VAL A 92 9.38 -18.90 -18.00
N ARG A 93 9.29 -19.51 -19.17
CA ARG A 93 9.59 -20.96 -19.34
C ARG A 93 11.07 -21.27 -19.18
N THR A 94 11.89 -20.33 -19.61
CA THR A 94 13.30 -20.45 -19.47
C THR A 94 13.67 -20.31 -18.01
N CYS A 95 13.08 -19.33 -17.32
CA CYS A 95 13.29 -19.19 -15.85
C CYS A 95 12.91 -20.44 -15.04
N ARG A 96 11.85 -21.14 -15.44
CA ARG A 96 11.51 -22.42 -14.81
C ARG A 96 12.65 -23.41 -15.05
N TRP A 97 13.04 -23.53 -16.32
CA TRP A 97 14.00 -24.53 -16.69
C TRP A 97 15.27 -24.43 -15.85
N LEU A 98 15.86 -23.23 -15.88
CA LEU A 98 17.00 -22.87 -15.06
C LEU A 98 16.79 -23.20 -13.59
N PHE A 99 15.76 -22.60 -13.00
CA PHE A 99 15.56 -22.73 -11.58
C PHE A 99 15.22 -24.17 -11.17
N ASP A 100 14.80 -25.02 -12.11
CA ASP A 100 14.64 -26.45 -11.83
C ASP A 100 15.92 -27.25 -11.87
N THR A 101 16.75 -27.02 -12.89
CA THR A 101 17.96 -27.79 -13.02
C THR A 101 18.82 -27.38 -11.83
N PHE A 102 19.13 -26.09 -11.71
CA PHE A 102 20.01 -25.62 -10.64
C PHE A 102 19.52 -25.86 -9.21
N SER A 103 18.21 -25.94 -9.00
CA SER A 103 17.68 -26.25 -7.67
C SER A 103 17.52 -27.74 -7.46
N LEU A 104 17.97 -28.57 -8.41
CA LEU A 104 17.93 -30.02 -8.26
C LEU A 104 16.55 -30.45 -7.76
N TYR A 105 15.52 -29.77 -8.25
CA TYR A 105 14.14 -30.12 -7.95
C TYR A 105 13.99 -31.45 -8.70
N ARG A 106 14.40 -31.45 -9.97
CA ARG A 106 14.37 -32.64 -10.84
C ARG A 106 15.08 -33.97 -10.40
N PHE A 107 16.19 -33.93 -9.63
CA PHE A 107 16.94 -35.18 -9.28
C PHE A 107 17.17 -35.40 -7.77
N GLY A 108 16.41 -36.35 -7.23
CA GLY A 108 16.27 -36.59 -5.79
C GLY A 108 14.83 -36.99 -5.52
N SER A 109 14.39 -36.79 -4.27
CA SER A 109 13.00 -37.01 -3.87
C SER A 109 12.41 -35.70 -3.34
N ILE A 110 11.18 -35.41 -3.74
CA ILE A 110 10.38 -34.33 -3.13
C ILE A 110 10.41 -34.34 -1.61
N THR A 111 11.34 -33.60 -1.04
CA THR A 111 11.43 -33.40 0.38
C THR A 111 10.55 -32.19 0.73
N GLU A 112 10.09 -32.07 1.97
CA GLU A 112 9.52 -30.79 2.50
C GLU A 112 10.60 -29.69 2.58
N SER A 113 11.82 -30.10 2.92
CA SER A 113 12.94 -29.19 2.96
C SER A 113 13.33 -28.57 1.61
N LYS A 114 13.10 -29.21 0.47
CA LYS A 114 13.39 -28.52 -0.82
C LYS A 114 12.16 -27.81 -1.45
N VAL A 115 10.96 -28.16 -1.00
CA VAL A 115 9.78 -27.39 -1.29
C VAL A 115 9.87 -26.00 -0.70
N ILE A 116 10.15 -25.90 0.61
CA ILE A 116 10.15 -24.58 1.28
C ILE A 116 11.33 -23.81 0.73
N SER A 117 12.52 -24.30 1.02
CA SER A 117 13.77 -23.77 0.47
C SER A 117 13.65 -23.27 -0.98
N ARG A 118 12.70 -23.82 -1.75
CA ARG A 118 12.38 -23.33 -3.10
C ARG A 118 11.47 -22.09 -3.11
N CYS A 119 10.34 -22.14 -2.39
CA CYS A 119 9.37 -21.02 -2.39
C CYS A 119 9.99 -19.80 -1.77
N LEU A 120 10.45 -19.97 -0.54
CA LEU A 120 11.36 -19.06 0.15
C LEU A 120 12.16 -18.21 -0.83
N PHE A 121 13.04 -18.83 -1.63
CA PHE A 121 13.78 -18.10 -2.67
C PHE A 121 12.79 -17.36 -3.54
N LEU A 122 11.81 -18.12 -4.06
CA LEU A 122 10.81 -17.61 -5.04
C LEU A 122 9.82 -16.50 -4.62
N GLU A 123 9.52 -16.41 -3.33
CA GLU A 123 8.77 -15.30 -2.85
C GLU A 123 9.62 -14.06 -2.71
N THR A 124 10.95 -14.20 -2.74
CA THR A 124 11.82 -13.01 -2.69
C THR A 124 11.72 -12.20 -3.97
N VAL A 125 11.35 -12.89 -5.03
CA VAL A 125 11.21 -12.25 -6.32
C VAL A 125 9.74 -11.88 -6.56
N ALA A 126 8.82 -12.79 -6.20
CA ALA A 126 7.34 -12.54 -6.19
C ALA A 126 6.88 -11.22 -5.57
N GLY A 127 7.61 -10.73 -4.59
CA GLY A 127 7.32 -9.40 -4.05
C GLY A 127 7.77 -8.18 -4.81
N VAL A 128 8.44 -8.32 -5.95
CA VAL A 128 8.97 -7.13 -6.65
C VAL A 128 8.11 -6.56 -7.80
N PRO A 129 7.52 -7.43 -8.65
CA PRO A 129 6.67 -6.87 -9.76
C PRO A 129 5.34 -6.20 -9.33
N GLY A 130 4.92 -6.49 -8.09
CA GLY A 130 3.79 -5.84 -7.53
C GLY A 130 4.28 -4.46 -7.25
N MET A 131 5.31 -4.42 -6.40
CA MET A 131 5.86 -3.18 -5.84
C MET A 131 6.37 -2.18 -6.89
N VAL A 132 6.98 -2.62 -8.00
CA VAL A 132 7.54 -1.65 -8.91
C VAL A 132 6.39 -1.10 -9.73
N GLY A 133 5.38 -1.95 -9.93
CA GLY A 133 4.19 -1.61 -10.74
C GLY A 133 3.39 -0.54 -10.07
N GLY A 134 3.05 -0.77 -8.81
CA GLY A 134 2.54 0.29 -7.94
C GLY A 134 3.41 1.55 -7.98
N MET A 135 4.69 1.42 -7.66
CA MET A 135 5.59 2.59 -7.56
C MET A 135 5.79 3.36 -8.85
N LEU A 136 5.58 2.71 -10.01
CA LEU A 136 5.67 3.41 -11.31
C LEU A 136 4.35 4.03 -11.70
N ARG A 137 3.27 3.28 -11.61
CA ARG A 137 1.93 3.85 -11.75
C ARG A 137 1.75 5.12 -10.86
N HIS A 138 2.20 5.01 -9.61
CA HIS A 138 2.07 6.09 -8.61
C HIS A 138 2.84 7.28 -9.05
N LEU A 139 4.00 7.09 -9.66
CA LEU A 139 4.74 8.24 -10.12
C LEU A 139 4.06 8.91 -11.32
N SER A 140 3.40 8.11 -12.19
CA SER A 140 2.66 8.66 -13.36
C SER A 140 1.50 9.46 -12.86
N SER A 141 0.69 8.82 -12.02
CA SER A 141 -0.45 9.47 -11.40
C SER A 141 -0.08 10.73 -10.66
N LEU A 142 1.10 10.83 -10.06
CA LEU A 142 1.53 12.12 -9.49
C LEU A 142 1.86 13.18 -10.54
N ARG A 143 2.71 12.81 -11.51
CA ARG A 143 3.34 13.77 -12.42
C ARG A 143 2.42 14.25 -13.51
N TYR A 144 1.56 13.34 -13.97
CA TYR A 144 0.55 13.69 -14.94
C TYR A 144 -0.65 14.32 -14.24
N MET A 145 -0.80 14.13 -12.92
CA MET A 145 -1.93 14.68 -12.14
C MET A 145 -3.27 14.11 -12.58
N THR A 146 -3.47 12.84 -12.27
CA THR A 146 -4.51 12.05 -12.92
C THR A 146 -4.97 10.89 -12.08
N ARG A 147 -6.25 10.56 -12.19
CA ARG A 147 -6.85 9.48 -11.45
C ARG A 147 -6.30 8.18 -11.96
N ASP A 148 -6.10 7.24 -11.05
CA ASP A 148 -5.55 5.92 -11.34
C ASP A 148 -6.61 4.82 -11.41
N LYS A 149 -7.68 4.99 -10.62
CA LYS A 149 -8.81 4.11 -10.55
C LYS A 149 -8.47 2.77 -9.94
N GLY A 150 -7.72 2.83 -8.82
CA GLY A 150 -7.41 1.62 -8.00
C GLY A 150 -6.62 0.48 -8.63
N TRP A 151 -5.68 0.81 -9.51
CA TRP A 151 -4.61 -0.10 -9.87
C TRP A 151 -3.58 -0.09 -8.75
N ILE A 152 -3.11 1.12 -8.46
CA ILE A 152 -1.93 1.27 -7.62
C ILE A 152 -2.06 0.41 -6.33
N ASN A 153 -3.21 0.48 -5.66
CA ASN A 153 -3.39 -0.30 -4.46
C ASN A 153 -3.51 -1.79 -4.71
N THR A 154 -4.09 -2.19 -5.82
CA THR A 154 -4.18 -3.65 -6.04
C THR A 154 -2.78 -4.26 -6.22
N LEU A 155 -1.91 -3.49 -6.87
CA LEU A 155 -0.57 -3.96 -7.18
C LEU A 155 0.30 -4.00 -5.95
N LEU A 156 0.34 -2.87 -5.24
CA LEU A 156 0.95 -2.79 -3.91
C LEU A 156 0.51 -3.93 -2.97
N VAL A 157 -0.77 -4.39 -2.97
CA VAL A 157 -1.09 -5.54 -2.08
C VAL A 157 -0.61 -6.87 -2.60
N GLU A 158 -0.58 -7.07 -3.92
CA GLU A 158 0.06 -8.27 -4.51
C GLU A 158 1.50 -8.36 -3.97
N ALA A 159 2.17 -7.21 -3.91
CA ALA A 159 3.56 -7.11 -3.45
C ALA A 159 3.68 -7.46 -1.98
N GLU A 160 2.68 -7.06 -1.20
CA GLU A 160 2.58 -7.40 0.21
C GLU A 160 2.16 -8.84 0.40
N ASN A 161 1.18 -9.26 -0.38
CA ASN A 161 0.70 -10.61 -0.27
C ASN A 161 1.87 -11.59 -0.46
N GLU A 162 2.64 -11.38 -1.54
CA GLU A 162 3.83 -12.20 -1.77
C GLU A 162 4.83 -12.05 -0.63
N ARG A 163 5.18 -10.84 -0.21
CA ARG A 163 5.96 -10.68 1.02
C ARG A 163 5.46 -11.48 2.20
N MET A 164 4.16 -11.70 2.36
CA MET A 164 3.71 -12.57 3.49
C MET A 164 3.89 -14.09 3.23
N HIS A 165 4.08 -14.46 1.98
CA HIS A 165 4.40 -15.85 1.68
C HIS A 165 5.80 -16.07 2.21
N LEU A 166 6.63 -15.06 2.02
CA LEU A 166 8.02 -15.11 2.36
C LEU A 166 8.20 -15.00 3.88
N MET A 167 7.45 -14.07 4.50
CA MET A 167 7.34 -14.05 5.98
C MET A 167 6.76 -15.33 6.61
N THR A 168 6.01 -16.10 5.85
CA THR A 168 5.51 -17.37 6.33
C THR A 168 6.55 -18.48 6.19
N PHE A 169 7.09 -18.65 4.98
CA PHE A 169 8.11 -19.66 4.72
C PHE A 169 9.40 -19.50 5.56
N ILE A 170 9.84 -18.27 5.79
CA ILE A 170 10.98 -18.00 6.69
C ILE A 170 10.73 -18.62 8.08
N GLU A 171 9.49 -18.68 8.55
CA GLU A 171 9.21 -19.31 9.86
C GLU A 171 9.42 -20.83 9.79
N LEU A 172 9.14 -21.42 8.62
CA LEU A 172 9.32 -22.86 8.43
C LEU A 172 10.77 -23.31 8.20
N ARG A 173 11.65 -22.43 7.72
CA ARG A 173 13.02 -22.84 7.41
C ARG A 173 13.94 -21.66 7.19
N GLN A 174 14.85 -21.41 8.11
CA GLN A 174 15.83 -20.34 7.93
C GLN A 174 16.83 -20.95 6.93
N PRO A 175 17.10 -20.26 5.80
CA PRO A 175 18.04 -20.76 4.80
C PRO A 175 19.51 -20.41 5.09
N GLY A 176 20.43 -21.07 4.39
CA GLY A 176 21.87 -20.96 4.68
C GLY A 176 22.48 -19.79 3.96
N LEU A 177 23.64 -19.33 4.44
CA LEU A 177 24.42 -18.27 3.76
C LEU A 177 24.46 -18.33 2.22
N PRO A 178 24.67 -19.53 1.63
CA PRO A 178 24.51 -19.60 0.17
C PRO A 178 23.21 -18.95 -0.36
N LEU A 179 22.07 -19.33 0.22
CA LEU A 179 20.76 -18.91 -0.34
C LEU A 179 20.48 -17.45 -0.03
N ARG A 180 20.86 -17.05 1.19
CA ARG A 180 20.83 -15.64 1.55
C ARG A 180 21.47 -14.84 0.40
N VAL A 181 22.70 -15.20 0.02
CA VAL A 181 23.49 -14.47 -1.04
C VAL A 181 22.95 -14.64 -2.47
N SER A 182 22.28 -15.76 -2.76
CA SER A 182 21.67 -15.95 -4.08
C SER A 182 20.42 -15.16 -4.20
N ILE A 183 19.76 -14.93 -3.06
CA ILE A 183 18.61 -14.02 -3.03
C ILE A 183 19.02 -12.59 -3.34
N ILE A 184 20.08 -12.13 -2.64
CA ILE A 184 20.61 -10.76 -2.82
C ILE A 184 21.11 -10.45 -4.24
N ILE A 185 22.04 -11.25 -4.81
CA ILE A 185 22.43 -10.97 -6.21
C ILE A 185 21.13 -10.94 -7.06
N THR A 186 20.23 -11.92 -6.86
CA THR A 186 19.03 -12.04 -7.68
C THR A 186 18.10 -10.84 -7.58
N GLN A 187 17.73 -10.44 -6.37
CA GLN A 187 17.03 -9.13 -6.21
C GLN A 187 17.63 -8.01 -7.05
N ALA A 188 18.95 -7.90 -7.05
CA ALA A 188 19.64 -6.94 -7.90
C ALA A 188 19.17 -7.15 -9.32
N ILE A 189 19.42 -8.33 -9.85
CA ILE A 189 19.10 -8.57 -11.25
C ILE A 189 17.64 -8.17 -11.52
N MET A 190 16.75 -8.68 -10.68
CA MET A 190 15.33 -8.52 -10.89
C MET A 190 14.83 -7.10 -10.68
N TYR A 191 15.14 -6.49 -9.54
CA TYR A 191 14.64 -5.14 -9.31
C TYR A 191 14.94 -4.29 -10.51
N LEU A 192 16.08 -4.57 -11.16
CA LEU A 192 16.54 -3.78 -12.30
C LEU A 192 15.82 -4.13 -13.58
N PHE A 193 15.72 -5.43 -13.86
CA PHE A 193 14.94 -5.96 -15.00
C PHE A 193 13.49 -5.49 -14.97
N LEU A 194 12.84 -5.65 -13.82
CA LEU A 194 11.42 -5.28 -13.64
C LEU A 194 11.17 -3.77 -13.72
N LEU A 195 12.10 -2.97 -13.24
CA LEU A 195 11.96 -1.53 -13.36
C LEU A 195 11.98 -1.10 -14.82
N VAL A 196 12.89 -1.63 -15.63
CA VAL A 196 12.98 -1.13 -17.01
C VAL A 196 12.03 -1.89 -17.89
N ALA A 197 11.84 -3.18 -17.65
CA ALA A 197 10.82 -3.93 -18.42
C ALA A 197 9.44 -3.29 -18.24
N TYR A 198 9.16 -2.74 -17.03
CA TYR A 198 7.88 -2.04 -16.72
C TYR A 198 7.81 -0.65 -17.29
N VAL A 199 8.94 0.05 -17.37
CA VAL A 199 8.95 1.32 -18.08
C VAL A 199 8.66 1.00 -19.56
N ILE A 200 9.53 0.22 -20.19
CA ILE A 200 9.37 -0.12 -21.61
C ILE A 200 8.01 -0.80 -21.88
N SER A 201 7.46 -1.59 -20.94
CA SER A 201 6.33 -2.47 -21.34
C SER A 201 5.50 -3.08 -20.21
N PRO A 202 4.66 -2.26 -19.59
CA PRO A 202 3.84 -2.80 -18.52
C PRO A 202 3.08 -4.03 -18.99
N ARG A 203 2.57 -3.97 -20.21
CA ARG A 203 1.96 -5.16 -20.81
C ARG A 203 2.78 -6.44 -20.65
N PHE A 204 4.08 -6.34 -20.93
CA PHE A 204 5.02 -7.47 -20.90
C PHE A 204 5.18 -8.04 -19.50
N VAL A 205 5.20 -7.16 -18.50
CA VAL A 205 5.44 -7.53 -17.11
C VAL A 205 4.19 -8.15 -16.56
N HIS A 206 3.08 -7.42 -16.55
CA HIS A 206 1.77 -8.04 -16.19
C HIS A 206 1.50 -9.42 -16.90
N ARG A 207 1.84 -9.50 -18.17
CA ARG A 207 1.75 -10.77 -18.91
C ARG A 207 2.75 -11.81 -18.38
N PHE A 208 3.94 -11.33 -17.99
CA PHE A 208 5.03 -12.19 -17.52
C PHE A 208 4.64 -12.71 -16.15
N VAL A 209 4.20 -11.82 -15.26
CA VAL A 209 3.78 -12.22 -13.91
C VAL A 209 2.62 -13.20 -14.00
N GLY A 210 1.72 -12.92 -14.96
CA GLY A 210 0.59 -13.80 -15.26
C GLY A 210 1.11 -15.21 -15.53
N TYR A 211 2.07 -15.31 -16.47
CA TYR A 211 2.65 -16.62 -16.84
C TYR A 211 3.35 -17.35 -15.71
N LEU A 212 4.10 -16.59 -14.90
CA LEU A 212 4.66 -17.09 -13.63
C LEU A 212 3.60 -17.66 -12.70
N GLU A 213 2.46 -17.00 -12.61
CA GLU A 213 1.52 -17.43 -11.60
C GLU A 213 0.80 -18.71 -11.99
N GLU A 214 0.80 -19.05 -13.29
CA GLU A 214 0.29 -20.36 -13.72
C GLU A 214 1.19 -21.46 -13.15
N GLU A 215 2.50 -21.19 -13.23
CA GLU A 215 3.55 -22.08 -12.73
C GLU A 215 3.41 -22.15 -11.20
N ALA A 216 3.37 -20.98 -10.55
CA ALA A 216 3.08 -20.89 -9.11
C ALA A 216 1.99 -21.83 -8.73
N VAL A 217 0.88 -21.76 -9.47
CA VAL A 217 -0.29 -22.60 -9.18
C VAL A 217 -0.01 -24.06 -9.45
N ILE A 218 0.65 -24.41 -10.56
CA ILE A 218 1.13 -25.82 -10.76
C ILE A 218 2.00 -26.30 -9.56
N THR A 219 3.13 -25.63 -9.32
CA THR A 219 3.98 -25.96 -8.17
C THR A 219 3.18 -26.14 -6.84
N TYR A 220 2.13 -25.36 -6.55
CA TYR A 220 1.38 -25.54 -5.26
C TYR A 220 0.28 -26.61 -5.37
N THR A 221 -0.20 -26.91 -6.58
CA THR A 221 -1.17 -28.03 -6.73
C THR A 221 -0.40 -29.34 -6.86
N GLY A 222 0.87 -29.29 -7.31
CA GLY A 222 1.73 -30.48 -7.36
C GLY A 222 2.12 -30.92 -5.95
N VAL A 223 2.62 -29.96 -5.18
CA VAL A 223 2.80 -30.08 -3.74
C VAL A 223 1.57 -30.64 -3.05
N MET A 224 0.40 -30.12 -3.37
CA MET A 224 -0.82 -30.57 -2.68
C MET A 224 -1.18 -31.94 -3.10
N ARG A 225 -1.06 -32.23 -4.38
CA ARG A 225 -1.27 -33.59 -4.89
C ARG A 225 -0.39 -34.51 -4.04
N ALA A 226 0.91 -34.14 -3.90
CA ALA A 226 1.91 -34.95 -3.15
C ALA A 226 1.55 -35.24 -1.67
N ILE A 227 1.19 -34.22 -0.88
CA ILE A 227 0.69 -34.44 0.48
C ILE A 227 -0.47 -35.45 0.46
N ASP A 228 -1.43 -35.23 -0.44
CA ASP A 228 -2.63 -36.08 -0.56
C ASP A 228 -2.27 -37.52 -0.82
N GLU A 229 -1.58 -37.76 -1.94
CA GLU A 229 -1.15 -39.11 -2.31
C GLU A 229 -0.39 -39.75 -1.16
N GLY A 230 0.37 -38.94 -0.42
CA GLY A 230 1.17 -39.41 0.71
C GLY A 230 2.66 -39.47 0.41
N ARG A 231 3.04 -39.10 -0.81
CA ARG A 231 4.45 -39.01 -1.22
C ARG A 231 5.25 -37.91 -0.49
N LEU A 232 4.65 -37.20 0.45
CA LEU A 232 5.32 -36.13 1.18
C LEU A 232 4.50 -35.82 2.44
N ARG A 233 5.17 -35.93 3.60
CA ARG A 233 4.51 -36.04 4.92
C ARG A 233 5.01 -34.88 5.80
N PRO A 234 4.38 -33.72 5.72
CA PRO A 234 5.05 -32.51 6.19
C PRO A 234 5.04 -32.27 7.72
N THR A 235 6.22 -31.98 8.30
CA THR A 235 6.36 -31.78 9.74
C THR A 235 6.08 -30.35 10.22
N LYS A 236 5.69 -29.46 9.32
CA LYS A 236 5.09 -28.18 9.73
C LYS A 236 3.57 -28.22 9.70
N ASN A 237 2.96 -29.15 10.45
CA ASN A 237 1.51 -29.08 10.66
C ASN A 237 1.10 -28.12 11.79
N ASP A 238 2.10 -27.55 12.47
CA ASP A 238 1.99 -26.19 13.00
C ASP A 238 2.06 -25.22 11.80
N VAL A 239 1.03 -24.38 11.67
CA VAL A 239 1.05 -23.20 10.80
C VAL A 239 1.43 -21.94 11.61
N PRO A 240 2.46 -21.17 11.14
CA PRO A 240 2.92 -20.01 11.93
C PRO A 240 1.86 -19.00 12.30
N GLU A 241 2.04 -18.37 13.47
CA GLU A 241 1.20 -17.25 13.88
C GLU A 241 0.99 -16.15 12.79
N VAL A 242 2.05 -15.69 12.11
CA VAL A 242 1.85 -14.70 10.99
C VAL A 242 0.77 -15.15 10.02
N ALA A 243 0.83 -16.44 9.67
CA ALA A 243 0.04 -16.99 8.59
C ALA A 243 -1.33 -17.30 9.08
N ARG A 244 -1.50 -17.61 10.37
CA ARG A 244 -2.84 -17.74 10.92
C ARG A 244 -3.58 -16.40 10.86
N VAL A 245 -3.06 -15.31 11.43
CA VAL A 245 -3.85 -14.06 11.46
C VAL A 245 -4.03 -13.46 10.05
N TYR A 246 -2.97 -13.52 9.24
CA TYR A 246 -3.01 -12.97 7.90
C TYR A 246 -4.10 -13.62 7.06
N TRP A 247 -4.10 -14.95 7.00
CA TRP A 247 -5.12 -15.70 6.23
C TRP A 247 -6.34 -16.13 7.08
N ASN A 248 -6.50 -15.63 8.29
CA ASN A 248 -7.52 -16.15 9.21
C ASN A 248 -7.88 -17.64 9.10
N LEU A 249 -6.96 -18.52 9.53
CA LEU A 249 -7.19 -20.01 9.60
C LEU A 249 -7.37 -20.43 11.05
N SER A 250 -7.96 -21.61 11.28
CA SER A 250 -8.03 -22.19 12.63
C SER A 250 -6.64 -22.54 13.13
N LYS A 251 -6.53 -22.71 14.44
CA LYS A 251 -5.28 -23.19 15.08
C LYS A 251 -4.95 -24.63 14.61
N ASN A 252 -5.99 -25.39 14.28
CA ASN A 252 -5.87 -26.74 13.73
C ASN A 252 -5.42 -26.79 12.26
N ALA A 253 -5.13 -25.65 11.63
CA ALA A 253 -4.81 -25.66 10.18
C ALA A 253 -3.50 -26.42 9.80
N THR A 254 -3.63 -27.46 9.00
CA THR A 254 -2.50 -28.24 8.45
C THR A 254 -1.57 -27.51 7.46
N PHE A 255 -0.46 -28.13 7.12
CA PHE A 255 0.48 -27.57 6.15
C PHE A 255 -0.15 -27.50 4.78
N ARG A 256 -0.94 -28.55 4.47
CA ARG A 256 -1.77 -28.63 3.25
C ARG A 256 -2.61 -27.36 3.07
N ASP A 257 -3.38 -27.04 4.11
CA ASP A 257 -4.22 -25.83 4.16
C ASP A 257 -3.46 -24.59 3.71
N LEU A 258 -2.30 -24.39 4.34
CA LEU A 258 -1.47 -23.22 4.07
C LEU A 258 -1.02 -23.16 2.62
N ILE A 259 -0.60 -24.29 2.06
CA ILE A 259 -0.23 -24.29 0.64
C ILE A 259 -1.44 -23.87 -0.17
N ASN A 260 -2.57 -24.53 0.09
CA ASN A 260 -3.85 -24.28 -0.61
C ASN A 260 -4.33 -22.79 -0.63
N VAL A 261 -4.23 -22.05 0.49
CA VAL A 261 -4.62 -20.60 0.54
C VAL A 261 -3.63 -19.75 -0.25
N ILE A 262 -2.35 -20.06 -0.11
CA ILE A 262 -1.30 -19.43 -0.89
C ILE A 262 -1.50 -19.76 -2.38
N ARG A 263 -1.98 -21.00 -2.64
CA ARG A 263 -2.30 -21.47 -3.99
C ARG A 263 -3.50 -20.77 -4.60
N ALA A 264 -4.43 -20.33 -3.75
CA ALA A 264 -5.48 -19.35 -4.11
C ALA A 264 -5.00 -17.88 -4.27
N ASP A 265 -4.08 -17.40 -3.42
CA ASP A 265 -3.43 -16.07 -3.63
C ASP A 265 -2.78 -16.01 -4.99
N GLU A 266 -2.20 -17.14 -5.41
CA GLU A 266 -1.41 -17.20 -6.62
C GLU A 266 -2.26 -17.31 -7.83
N ALA A 267 -3.45 -17.85 -7.63
CA ALA A 267 -4.46 -17.87 -8.69
C ALA A 267 -5.05 -16.50 -8.83
N GLU A 268 -5.32 -15.81 -7.74
CA GLU A 268 -5.78 -14.43 -7.89
C GLU A 268 -4.79 -13.64 -8.76
N HIS A 269 -3.50 -13.76 -8.45
CA HIS A 269 -2.51 -12.97 -9.17
C HIS A 269 -2.45 -13.37 -10.67
N ARG A 270 -2.67 -14.65 -10.92
CA ARG A 270 -2.58 -15.19 -12.28
C ARG A 270 -3.51 -14.47 -13.19
N VAL A 271 -4.80 -14.38 -12.80
CA VAL A 271 -5.83 -13.61 -13.55
C VAL A 271 -5.60 -12.09 -13.50
N VAL A 272 -5.33 -11.55 -12.30
CA VAL A 272 -5.36 -10.11 -12.13
C VAL A 272 -4.29 -9.47 -12.98
N ASN A 273 -3.15 -10.13 -13.14
CA ASN A 273 -2.09 -9.60 -14.03
C ASN A 273 -2.28 -9.94 -15.53
N HIS A 274 -3.04 -11.00 -15.81
CA HIS A 274 -3.38 -11.37 -17.18
C HIS A 274 -4.54 -10.50 -17.66
N THR A 275 -5.37 -10.09 -16.70
CA THR A 275 -6.31 -9.02 -16.90
C THR A 275 -5.61 -7.68 -17.11
N PHE A 276 -4.63 -7.35 -16.28
CA PHE A 276 -3.91 -6.07 -16.53
C PHE A 276 -3.10 -6.13 -17.86
N ALA A 277 -2.67 -7.34 -18.23
CA ALA A 277 -2.01 -7.55 -19.49
C ALA A 277 -2.95 -7.16 -20.60
N ASP A 278 -4.07 -7.87 -20.73
CA ASP A 278 -5.05 -7.57 -21.81
C ASP A 278 -5.52 -6.11 -21.83
N MET A 279 -5.79 -5.54 -20.66
CA MET A 279 -6.19 -4.14 -20.59
C MET A 279 -5.15 -3.30 -21.30
N HIS A 280 -3.88 -3.50 -20.99
CA HIS A 280 -2.83 -2.84 -21.77
C HIS A 280 -2.92 -3.10 -23.32
N GLU A 281 -3.19 -4.35 -23.70
CA GLU A 281 -3.29 -4.77 -25.11
C GLU A 281 -4.24 -3.88 -25.86
N LYS A 282 -5.40 -3.58 -25.24
CA LYS A 282 -6.50 -2.85 -25.89
C LYS A 282 -6.55 -1.42 -25.36
N ARG A 283 -5.38 -0.78 -25.26
CA ARG A 283 -5.31 0.59 -24.78
C ARG A 283 -6.21 0.90 -23.57
N LEU A 284 -6.49 -0.08 -22.73
CA LEU A 284 -7.36 0.11 -21.59
C LEU A 284 -6.59 0.31 -20.30
N GLN A 285 -5.36 0.81 -20.41
CA GLN A 285 -4.44 0.87 -19.28
C GLN A 285 -4.71 2.04 -18.40
N ASN A 286 -5.80 2.77 -18.65
CA ASN A 286 -6.34 3.81 -17.75
C ASN A 286 -7.79 3.70 -17.44
N SER A 287 -8.36 2.52 -17.64
CA SER A 287 -9.73 2.30 -17.31
C SER A 287 -9.72 1.97 -15.83
N VAL A 288 -10.89 1.98 -15.20
CA VAL A 288 -11.00 1.53 -13.80
C VAL A 288 -10.53 0.06 -13.77
N ASN A 289 -9.69 -0.27 -12.76
CA ASN A 289 -9.28 -1.66 -12.48
C ASN A 289 -10.52 -2.46 -12.13
N PRO A 290 -10.85 -3.45 -12.94
CA PRO A 290 -12.16 -4.06 -12.74
C PRO A 290 -12.31 -4.75 -11.42
N PHE A 291 -11.19 -5.16 -10.81
CA PHE A 291 -11.22 -5.93 -9.54
C PHE A 291 -11.63 -5.11 -8.31
N VAL A 292 -11.37 -3.78 -8.26
CA VAL A 292 -11.97 -2.94 -7.18
C VAL A 292 -13.48 -3.19 -7.02
N VAL A 293 -14.17 -3.32 -8.14
CA VAL A 293 -15.55 -3.75 -8.13
C VAL A 293 -15.54 -5.18 -7.63
N LEU A 294 -15.10 -6.12 -8.46
CA LEU A 294 -15.21 -7.60 -8.21
C LEU A 294 -14.66 -8.19 -6.83
N LYS A 295 -14.41 -7.34 -5.81
CA LYS A 295 -14.11 -7.80 -4.46
C LYS A 295 -15.38 -8.22 -3.74
N VAL B 32 -18.39 -12.99 -3.10
CA VAL B 32 -18.22 -14.04 -4.16
C VAL B 32 -16.95 -13.80 -5.00
N TRP B 33 -15.81 -14.03 -4.34
CA TRP B 33 -14.49 -14.10 -5.00
C TRP B 33 -13.88 -15.48 -4.68
N GLY B 34 -14.36 -16.49 -5.41
CA GLY B 34 -14.00 -17.91 -5.16
C GLY B 34 -13.31 -18.57 -6.35
N HIS B 35 -13.14 -19.89 -6.30
CA HIS B 35 -12.35 -20.58 -7.33
C HIS B 35 -12.82 -20.31 -8.75
N THR B 36 -14.13 -20.25 -8.98
CA THR B 36 -14.67 -20.10 -10.35
C THR B 36 -14.18 -18.81 -11.03
N GLN B 37 -13.96 -17.76 -10.24
CA GLN B 37 -13.46 -16.48 -10.76
C GLN B 37 -11.95 -16.65 -10.99
N LEU B 38 -11.29 -17.15 -9.95
CA LEU B 38 -9.83 -17.38 -9.94
C LEU B 38 -9.36 -18.26 -11.09
N ASN B 39 -10.23 -19.20 -11.51
CA ASN B 39 -9.94 -20.05 -12.67
C ASN B 39 -10.19 -19.46 -14.05
N ARG B 40 -10.58 -18.19 -14.15
CA ARG B 40 -10.80 -17.58 -15.47
C ARG B 40 -9.58 -16.78 -15.99
N LEU B 41 -9.15 -17.08 -17.22
CA LEU B 41 -7.98 -16.45 -17.85
C LEU B 41 -7.98 -14.91 -17.81
N SER B 42 -9.02 -14.24 -18.32
CA SER B 42 -9.18 -12.76 -18.14
C SER B 42 -10.50 -12.24 -17.58
N PHE B 43 -10.49 -10.96 -17.23
CA PHE B 43 -11.70 -10.17 -16.95
C PHE B 43 -11.73 -8.86 -17.83
N LEU B 44 -11.15 -8.95 -19.03
CA LEU B 44 -11.16 -7.86 -19.97
C LEU B 44 -12.59 -7.51 -20.34
N GLU B 45 -13.44 -8.56 -20.44
CA GLU B 45 -14.89 -8.44 -20.74
C GLU B 45 -15.54 -7.37 -19.88
N THR B 46 -15.34 -7.48 -18.56
CA THR B 46 -16.05 -6.65 -17.59
C THR B 46 -15.67 -5.19 -17.70
N VAL B 47 -14.50 -4.87 -18.25
CA VAL B 47 -13.97 -3.52 -18.04
C VAL B 47 -14.93 -2.40 -18.47
N PRO B 48 -15.68 -2.57 -19.62
CA PRO B 48 -16.61 -1.52 -20.03
C PRO B 48 -17.98 -1.55 -19.33
N VAL B 49 -18.19 -2.43 -18.34
CA VAL B 49 -19.40 -2.38 -17.51
C VAL B 49 -19.12 -2.22 -16.01
N VAL B 50 -17.95 -1.73 -15.61
CA VAL B 50 -17.68 -1.47 -14.15
C VAL B 50 -17.50 0.03 -13.89
N PRO B 51 -18.25 0.60 -12.93
CA PRO B 51 -18.34 2.06 -12.75
C PRO B 51 -17.07 2.72 -12.24
N LEU B 52 -17.02 4.04 -12.38
CA LEU B 52 -15.94 4.83 -11.83
C LEU B 52 -16.46 5.51 -10.55
N ARG B 53 -16.25 4.84 -9.40
CA ARG B 53 -16.66 5.33 -8.07
C ARG B 53 -15.49 5.97 -7.35
N VAL B 54 -15.65 7.23 -6.97
CA VAL B 54 -14.57 8.01 -6.38
C VAL B 54 -13.89 7.42 -5.11
N SER B 55 -14.57 6.49 -4.44
CA SER B 55 -13.99 5.73 -3.34
C SER B 55 -12.77 4.92 -3.79
N ASP B 56 -12.91 4.17 -4.89
CA ASP B 56 -11.84 3.26 -5.35
C ASP B 56 -10.51 3.96 -5.66
N GLU B 57 -10.55 5.25 -5.98
CA GLU B 57 -9.30 5.98 -6.16
C GLU B 57 -8.24 5.74 -5.06
N SER B 58 -8.68 5.60 -3.80
CA SER B 58 -7.79 5.25 -2.69
C SER B 58 -7.95 3.81 -2.23
N SER B 59 -7.07 3.42 -1.33
CA SER B 59 -7.20 2.25 -0.51
C SER B 59 -8.19 2.65 0.55
N GLU B 60 -8.64 1.70 1.35
CA GLU B 60 -9.65 1.99 2.35
C GLU B 60 -9.05 2.42 3.68
N ASP B 61 -7.72 2.60 3.72
CA ASP B 61 -6.99 3.00 4.93
C ASP B 61 -7.02 4.52 4.94
N ARG B 62 -8.23 5.04 5.21
CA ARG B 62 -8.53 6.46 5.07
C ARG B 62 -8.31 7.20 6.39
N PRO B 63 -8.02 8.51 6.32
CA PRO B 63 -8.04 9.30 7.54
C PRO B 63 -9.46 9.45 8.07
N THR B 64 -9.57 9.62 9.38
CA THR B 64 -10.81 10.01 10.06
C THR B 64 -10.48 11.04 11.14
N TRP B 65 -10.57 12.32 10.79
CA TRP B 65 -10.54 13.40 11.75
C TRP B 65 -11.97 13.92 12.04
N SER B 66 -12.09 14.72 13.10
CA SER B 66 -13.26 15.56 13.35
C SER B 66 -12.71 16.99 13.43
N LEU B 67 -13.46 17.93 12.88
CA LEU B 67 -12.91 19.26 12.58
C LEU B 67 -12.65 20.17 13.77
N PRO B 68 -13.50 20.11 14.82
CA PRO B 68 -13.23 21.06 15.92
C PRO B 68 -11.98 20.75 16.71
N ASP B 69 -11.59 19.47 16.72
CA ASP B 69 -10.35 18.95 17.36
C ASP B 69 -9.09 19.36 16.60
N ILE B 70 -9.07 18.99 15.33
CA ILE B 70 -7.92 19.23 14.49
C ILE B 70 -7.87 20.68 14.09
N GLU B 71 -8.92 21.44 14.42
CA GLU B 71 -8.86 22.91 14.45
C GLU B 71 -7.61 23.39 15.18
N ASN B 72 -7.33 22.75 16.31
CA ASN B 72 -6.22 23.09 17.20
C ASN B 72 -4.82 22.53 16.84
N VAL B 73 -4.63 21.96 15.65
CA VAL B 73 -3.31 21.54 15.18
C VAL B 73 -2.40 22.75 15.14
N ALA B 74 -1.18 22.57 15.65
CA ALA B 74 -0.23 23.66 15.87
C ALA B 74 0.96 23.61 14.95
N ILE B 75 1.71 24.70 14.93
CA ILE B 75 2.97 24.81 14.19
C ILE B 75 4.12 24.43 15.10
N THR B 76 4.82 23.34 14.79
CA THR B 76 5.88 22.88 15.69
C THR B 76 7.22 23.01 15.01
N HIS B 77 8.24 22.79 15.81
CA HIS B 77 9.58 22.74 15.30
C HIS B 77 10.59 21.92 16.13
N LYS B 78 11.00 20.78 15.59
CA LYS B 78 11.88 19.86 16.29
C LYS B 78 13.34 20.30 16.23
N LYS B 79 14.06 20.18 17.34
CA LYS B 79 15.48 20.50 17.31
C LYS B 79 16.31 19.48 16.50
N PRO B 80 17.18 20.00 15.63
CA PRO B 80 18.14 19.15 14.95
C PRO B 80 19.25 18.73 15.90
N ASN B 81 19.60 17.45 15.90
CA ASN B 81 20.68 16.94 16.74
C ASN B 81 21.95 16.95 15.95
N GLY B 82 21.97 16.24 14.82
CA GLY B 82 23.20 16.02 14.07
C GLY B 82 23.58 17.05 13.04
N LEU B 83 24.78 16.89 12.48
CA LEU B 83 25.09 17.47 11.16
C LEU B 83 24.08 16.96 10.16
N VAL B 84 23.64 15.71 10.32
CA VAL B 84 22.53 15.21 9.49
C VAL B 84 21.25 16.04 9.62
N ASP B 85 20.69 16.15 10.83
CA ASP B 85 19.40 16.84 11.02
C ASP B 85 19.54 18.29 10.54
N THR B 86 20.65 18.92 10.93
CA THR B 86 21.02 20.20 10.35
C THR B 86 20.90 20.24 8.82
N LEU B 87 21.64 19.35 8.16
CA LEU B 87 21.66 19.31 6.69
C LEU B 87 20.22 19.26 6.19
N ALA B 88 19.49 18.26 6.68
CA ALA B 88 18.09 18.15 6.31
C ALA B 88 17.44 19.52 6.42
N TYR B 89 17.50 20.11 7.60
CA TYR B 89 16.84 21.40 7.80
C TYR B 89 17.29 22.48 6.77
N ARG B 90 18.59 22.60 6.54
CA ARG B 90 19.09 23.64 5.65
C ARG B 90 18.65 23.34 4.23
N SER B 91 18.70 22.06 3.83
CA SER B 91 18.13 21.71 2.50
C SER B 91 16.63 22.11 2.43
N VAL B 92 15.83 21.78 3.45
CA VAL B 92 14.40 22.09 3.41
C VAL B 92 14.10 23.58 3.48
N ARG B 93 14.99 24.37 4.07
CA ARG B 93 14.79 25.82 4.08
C ARG B 93 15.12 26.43 2.74
N THR B 94 16.25 26.01 2.17
CA THR B 94 16.67 26.44 0.82
C THR B 94 15.62 26.13 -0.26
N CYS B 95 15.00 24.96 -0.14
CA CYS B 95 13.83 24.66 -0.94
C CYS B 95 12.60 25.54 -0.72
N ARG B 96 12.34 25.99 0.52
CA ARG B 96 11.20 26.87 0.83
C ARG B 96 11.53 28.21 0.28
N TRP B 97 12.78 28.58 0.39
CA TRP B 97 13.18 29.87 -0.10
C TRP B 97 12.96 29.92 -1.60
N LEU B 98 13.58 28.96 -2.30
CA LEU B 98 13.52 28.83 -3.77
C LEU B 98 12.11 28.86 -4.24
N PHE B 99 11.31 27.95 -3.70
CA PHE B 99 9.96 27.82 -4.14
C PHE B 99 9.18 29.13 -3.98
N ASP B 100 9.24 29.75 -2.80
CA ASP B 100 8.57 31.04 -2.57
C ASP B 100 9.04 32.15 -3.49
N THR B 101 10.33 32.14 -3.80
CA THR B 101 10.91 33.14 -4.69
C THR B 101 10.55 32.85 -6.15
N PHE B 102 10.69 31.62 -6.64
CA PHE B 102 10.30 31.30 -8.05
C PHE B 102 8.78 31.19 -8.25
N SER B 103 7.96 31.35 -7.20
CA SER B 103 6.51 31.28 -7.33
C SER B 103 5.82 32.59 -7.00
N LEU B 104 6.58 33.69 -6.96
CA LEU B 104 5.97 35.01 -6.75
C LEU B 104 5.02 35.03 -5.54
N TYR B 105 5.32 34.24 -4.50
CA TYR B 105 4.49 34.19 -3.30
C TYR B 105 4.84 35.41 -2.42
N ARG B 106 6.14 35.61 -2.22
CA ARG B 106 6.74 36.84 -1.63
C ARG B 106 6.21 38.26 -2.08
N PHE B 107 5.66 38.39 -3.30
CA PHE B 107 5.30 39.70 -3.91
C PHE B 107 4.00 39.55 -4.70
N GLY B 108 2.91 39.50 -3.93
CA GLY B 108 1.56 39.55 -4.47
C GLY B 108 0.49 39.56 -3.37
N SER B 109 -0.72 39.95 -3.74
CA SER B 109 -1.87 39.74 -2.88
C SER B 109 -2.21 38.24 -3.02
N ILE B 110 -2.16 37.50 -1.91
CA ILE B 110 -2.50 36.06 -1.90
C ILE B 110 -3.83 35.75 -2.58
N THR B 111 -3.77 35.01 -3.68
CA THR B 111 -4.96 34.61 -4.44
C THR B 111 -5.32 33.21 -3.95
N GLU B 112 -6.51 32.75 -4.27
CA GLU B 112 -6.79 31.29 -4.21
C GLU B 112 -5.95 30.57 -5.29
N SER B 113 -5.94 31.12 -6.50
CA SER B 113 -5.17 30.57 -7.60
C SER B 113 -3.77 30.16 -7.18
N LYS B 114 -2.97 31.09 -6.65
CA LYS B 114 -1.57 30.75 -6.29
C LYS B 114 -1.47 29.82 -5.07
N VAL B 115 -2.42 29.88 -4.15
CA VAL B 115 -2.49 28.87 -3.11
C VAL B 115 -2.74 27.49 -3.69
N ILE B 116 -3.79 27.35 -4.50
CA ILE B 116 -4.01 26.05 -5.15
C ILE B 116 -2.81 25.68 -6.05
N SER B 117 -2.23 26.66 -6.73
CA SER B 117 -1.18 26.36 -7.67
C SER B 117 0.02 25.85 -6.92
N ARG B 118 0.39 26.52 -5.84
CA ARG B 118 1.57 26.08 -5.04
C ARG B 118 1.34 24.68 -4.44
N CYS B 119 0.17 24.46 -3.84
CA CYS B 119 -0.17 23.18 -3.21
C CYS B 119 -0.27 22.00 -4.18
N LEU B 120 -0.57 22.30 -5.44
CA LEU B 120 -0.76 21.29 -6.49
C LEU B 120 0.59 20.73 -6.92
N PHE B 121 1.49 21.67 -7.27
CA PHE B 121 2.89 21.39 -7.61
C PHE B 121 3.49 20.52 -6.54
N LEU B 122 3.40 21.00 -5.31
CA LEU B 122 3.99 20.33 -4.17
C LEU B 122 3.54 18.89 -3.85
N GLU B 123 2.26 18.57 -3.98
CA GLU B 123 1.89 17.17 -3.71
C GLU B 123 2.54 16.20 -4.71
N THR B 124 2.88 16.70 -5.91
CA THR B 124 3.67 15.91 -6.87
C THR B 124 5.10 15.58 -6.40
N VAL B 125 5.59 16.28 -5.38
CA VAL B 125 6.79 15.88 -4.68
C VAL B 125 6.49 15.25 -3.34
N ALA B 126 5.40 15.61 -2.64
CA ALA B 126 5.02 14.85 -1.42
C ALA B 126 4.75 13.35 -1.68
N GLY B 127 4.21 13.08 -2.85
CA GLY B 127 3.85 11.72 -3.16
C GLY B 127 5.00 10.76 -3.34
N VAL B 128 6.24 11.28 -3.31
CA VAL B 128 7.41 10.45 -3.61
C VAL B 128 8.12 9.83 -2.40
N PRO B 129 8.50 10.62 -1.40
CA PRO B 129 9.24 10.03 -0.24
C PRO B 129 8.62 8.74 0.37
N GLY B 130 7.31 8.78 0.61
CA GLY B 130 6.59 7.63 1.16
C GLY B 130 6.74 6.40 0.30
N MET B 131 6.82 6.62 -1.01
CA MET B 131 6.82 5.56 -2.01
C MET B 131 8.18 4.91 -2.16
N VAL B 132 9.24 5.75 -2.11
CA VAL B 132 10.65 5.28 -2.17
C VAL B 132 11.04 4.67 -0.80
N GLY B 133 10.55 5.30 0.26
CA GLY B 133 10.70 4.77 1.62
C GLY B 133 10.07 3.41 1.77
N GLY B 134 8.82 3.31 1.34
CA GLY B 134 8.04 2.07 1.47
C GLY B 134 8.59 0.91 0.70
N MET B 135 8.94 1.20 -0.54
CA MET B 135 9.43 0.20 -1.45
C MET B 135 10.78 -0.28 -0.96
N LEU B 136 11.62 0.61 -0.41
CA LEU B 136 12.95 0.18 0.03
C LEU B 136 12.89 -0.79 1.20
N ARG B 137 12.16 -0.36 2.24
CA ARG B 137 11.86 -1.24 3.35
C ARG B 137 11.30 -2.60 2.86
N HIS B 138 10.45 -2.56 1.82
CA HIS B 138 9.89 -3.76 1.22
C HIS B 138 10.99 -4.64 0.61
N LEU B 139 11.81 -4.04 -0.23
CA LEU B 139 12.91 -4.77 -0.87
C LEU B 139 13.92 -5.28 0.19
N SER B 140 14.14 -4.52 1.27
CA SER B 140 15.02 -5.03 2.32
C SER B 140 14.38 -6.23 3.01
N SER B 141 13.14 -6.10 3.46
CA SER B 141 12.38 -7.25 4.01
C SER B 141 12.41 -8.53 3.11
N LEU B 142 12.34 -8.37 1.79
CA LEU B 142 12.34 -9.53 0.91
C LEU B 142 13.71 -10.19 0.82
N ARG B 143 14.80 -9.39 0.74
CA ARG B 143 16.17 -9.94 0.54
C ARG B 143 16.85 -10.42 1.78
N TYR B 144 16.60 -9.75 2.91
CA TYR B 144 17.04 -10.28 4.21
C TYR B 144 16.03 -11.21 4.82
N MET B 145 14.85 -11.40 4.23
CA MET B 145 13.84 -12.30 4.79
C MET B 145 13.52 -12.01 6.26
N THR B 146 13.33 -10.74 6.58
CA THR B 146 13.07 -10.29 7.93
C THR B 146 11.80 -9.45 8.04
N ARG B 147 11.29 -9.41 9.25
CA ARG B 147 10.11 -8.64 9.52
C ARG B 147 10.37 -7.19 9.29
N ASP B 148 9.32 -6.48 8.94
CA ASP B 148 9.36 -5.04 8.80
C ASP B 148 8.67 -4.36 9.94
N LYS B 149 7.73 -5.07 10.57
CA LYS B 149 6.96 -4.57 11.72
C LYS B 149 6.08 -3.33 11.39
N GLY B 150 5.59 -3.28 10.15
CA GLY B 150 4.56 -2.34 9.76
C GLY B 150 5.03 -0.91 9.61
N TRP B 151 6.28 -0.70 9.30
CA TRP B 151 6.65 0.60 8.75
C TRP B 151 6.09 0.73 7.30
N ILE B 152 6.16 -0.36 6.53
CA ILE B 152 6.00 -0.27 5.07
C ILE B 152 4.64 0.33 4.78
N ASN B 153 3.62 -0.41 5.16
CA ASN B 153 2.29 0.05 4.90
C ASN B 153 2.04 1.47 5.45
N THR B 154 2.71 1.90 6.51
CA THR B 154 2.48 3.31 6.92
C THR B 154 3.01 4.27 5.87
N LEU B 155 4.23 4.01 5.37
CA LEU B 155 4.86 4.92 4.37
C LEU B 155 4.09 4.86 3.05
N LEU B 156 3.61 3.66 2.73
CA LEU B 156 2.65 3.49 1.65
C LEU B 156 1.33 4.27 1.81
N VAL B 157 0.70 4.39 2.99
CA VAL B 157 -0.46 5.30 3.03
C VAL B 157 -0.07 6.76 3.26
N GLU B 158 1.13 7.00 3.80
CA GLU B 158 1.71 8.34 3.72
C GLU B 158 1.66 8.84 2.27
N ALA B 159 2.14 8.03 1.33
CA ALA B 159 2.28 8.48 -0.06
C ALA B 159 0.97 8.54 -0.75
N GLU B 160 0.08 7.64 -0.38
CA GLU B 160 -1.22 7.63 -1.04
C GLU B 160 -2.01 8.85 -0.59
N ASN B 161 -2.08 9.05 0.73
CA ASN B 161 -2.69 10.26 1.23
C ASN B 161 -2.21 11.49 0.45
N GLU B 162 -0.90 11.72 0.40
CA GLU B 162 -0.38 12.84 -0.33
C GLU B 162 -0.97 12.89 -1.73
N ARG B 163 -0.85 11.80 -2.46
CA ARG B 163 -1.34 11.76 -3.82
C ARG B 163 -2.82 12.16 -3.90
N MET B 164 -3.63 11.79 -2.90
CA MET B 164 -5.03 12.30 -2.81
C MET B 164 -5.11 13.85 -2.63
N HIS B 165 -4.19 14.41 -1.86
CA HIS B 165 -4.14 15.85 -1.75
C HIS B 165 -4.12 16.42 -3.16
N LEU B 166 -3.28 15.83 -4.00
CA LEU B 166 -3.10 16.26 -5.40
C LEU B 166 -4.31 15.96 -6.28
N MET B 167 -4.87 14.74 -6.18
CA MET B 167 -6.19 14.45 -6.82
C MET B 167 -7.32 15.49 -6.49
N THR B 168 -7.34 16.00 -5.26
CA THR B 168 -8.26 17.03 -4.86
C THR B 168 -7.90 18.30 -5.58
N PHE B 169 -6.70 18.82 -5.34
CA PHE B 169 -6.28 20.09 -5.95
C PHE B 169 -6.40 20.05 -7.48
N ILE B 170 -6.17 18.89 -8.12
CA ILE B 170 -6.29 18.82 -9.59
C ILE B 170 -7.67 19.35 -9.92
N GLU B 171 -8.69 18.91 -9.16
CA GLU B 171 -10.11 19.27 -9.43
C GLU B 171 -10.57 20.72 -9.08
N LEU B 172 -9.91 21.39 -8.13
CA LEU B 172 -10.21 22.80 -7.92
C LEU B 172 -9.50 23.70 -8.95
N ARG B 173 -8.55 23.18 -9.73
CA ARG B 173 -7.82 24.00 -10.71
C ARG B 173 -6.93 23.11 -11.53
N GLN B 174 -7.20 22.98 -12.82
CA GLN B 174 -6.31 22.19 -13.71
C GLN B 174 -5.13 23.12 -14.08
N PRO B 175 -3.88 22.63 -13.89
CA PRO B 175 -2.71 23.51 -14.07
C PRO B 175 -2.34 23.78 -15.53
N GLY B 176 -1.44 24.77 -15.71
CA GLY B 176 -0.99 25.18 -17.06
C GLY B 176 -0.09 24.14 -17.71
N LEU B 177 0.27 24.35 -18.97
CA LEU B 177 1.40 23.61 -19.53
C LEU B 177 2.70 23.87 -18.74
N PRO B 178 3.03 25.15 -18.47
CA PRO B 178 4.34 25.39 -17.91
C PRO B 178 4.59 24.74 -16.54
N LEU B 179 3.53 24.58 -15.75
CA LEU B 179 3.64 23.86 -14.48
C LEU B 179 3.71 22.34 -14.74
N ARG B 180 2.89 21.92 -15.70
CA ARG B 180 2.71 20.51 -16.04
C ARG B 180 4.06 19.99 -16.44
N VAL B 181 4.84 20.83 -17.13
CA VAL B 181 6.21 20.46 -17.42
C VAL B 181 6.91 20.42 -16.10
N SER B 182 7.14 21.59 -15.48
CA SER B 182 7.96 21.68 -14.26
C SER B 182 7.79 20.47 -13.38
N ILE B 183 6.53 20.08 -13.19
CA ILE B 183 6.20 18.85 -12.46
C ILE B 183 7.04 17.61 -12.85
N ILE B 184 7.11 17.29 -14.15
CA ILE B 184 7.91 16.14 -14.65
C ILE B 184 9.42 16.33 -14.45
N ILE B 185 10.01 17.41 -14.96
CA ILE B 185 11.45 17.66 -14.66
C ILE B 185 11.68 17.55 -13.13
N THR B 186 10.73 17.99 -12.29
CA THR B 186 10.87 17.92 -10.83
C THR B 186 10.88 16.51 -10.30
N GLN B 187 9.89 15.76 -10.72
CA GLN B 187 9.82 14.37 -10.32
C GLN B 187 11.14 13.62 -10.60
N ALA B 188 11.74 13.87 -11.78
CA ALA B 188 12.97 13.19 -12.18
C ALA B 188 14.05 13.49 -11.15
N ILE B 189 14.30 14.77 -10.92
CA ILE B 189 15.29 15.15 -9.92
C ILE B 189 15.00 14.50 -8.55
N MET B 190 13.76 14.64 -8.07
CA MET B 190 13.39 14.22 -6.73
C MET B 190 13.36 12.72 -6.64
N TYR B 191 12.69 12.07 -7.58
CA TYR B 191 12.65 10.61 -7.48
C TYR B 191 14.09 10.11 -7.34
N LEU B 192 14.96 10.55 -8.24
CA LEU B 192 16.33 10.13 -8.16
C LEU B 192 16.94 10.47 -6.78
N PHE B 193 16.90 11.75 -6.39
CA PHE B 193 17.50 12.22 -5.09
C PHE B 193 17.16 11.35 -3.87
N LEU B 194 15.85 11.17 -3.69
CA LEU B 194 15.28 10.49 -2.52
C LEU B 194 15.65 9.01 -2.54
N LEU B 195 15.75 8.47 -3.74
CA LEU B 195 16.18 7.08 -3.92
C LEU B 195 17.60 6.88 -3.47
N VAL B 196 18.47 7.83 -3.76
CA VAL B 196 19.86 7.61 -3.36
C VAL B 196 20.09 8.16 -1.96
N ALA B 197 19.36 9.21 -1.56
CA ALA B 197 19.31 9.65 -0.14
C ALA B 197 18.88 8.51 0.79
N TYR B 198 17.77 7.84 0.41
CA TYR B 198 17.15 6.78 1.21
C TYR B 198 18.04 5.52 1.36
N VAL B 199 18.94 5.32 0.40
CA VAL B 199 19.88 4.25 0.51
C VAL B 199 20.96 4.69 1.45
N ILE B 200 21.47 5.91 1.26
CA ILE B 200 22.58 6.44 2.07
C ILE B 200 22.20 6.72 3.54
N SER B 201 21.01 7.24 3.80
CA SER B 201 20.59 7.57 5.16
C SER B 201 19.13 7.86 5.16
N PRO B 202 18.34 6.84 5.31
CA PRO B 202 16.94 7.14 5.53
C PRO B 202 16.76 8.14 6.71
N ARG B 203 17.59 8.04 7.75
CA ARG B 203 17.57 9.05 8.83
C ARG B 203 17.57 10.48 8.28
N PHE B 204 18.44 10.72 7.31
CA PHE B 204 18.45 12.00 6.64
C PHE B 204 17.06 12.34 6.08
N VAL B 205 16.49 11.43 5.29
CA VAL B 205 15.29 11.70 4.46
C VAL B 205 14.09 11.82 5.37
N HIS B 206 13.80 10.79 6.15
CA HIS B 206 12.74 10.86 7.16
C HIS B 206 12.82 12.14 7.99
N ARG B 207 14.03 12.62 8.30
CA ARG B 207 14.13 13.95 8.89
C ARG B 207 13.69 15.00 7.89
N PHE B 208 14.28 14.98 6.69
CA PHE B 208 14.01 15.95 5.59
C PHE B 208 12.52 16.11 5.30
N VAL B 209 11.79 15.03 5.44
CA VAL B 209 10.33 15.07 5.37
C VAL B 209 9.82 15.71 6.65
N GLY B 210 10.14 15.10 7.79
CA GLY B 210 9.74 15.69 9.07
C GLY B 210 9.75 17.23 9.05
N TYR B 211 10.86 17.83 8.58
CA TYR B 211 11.00 19.27 8.53
C TYR B 211 10.26 19.93 7.39
N LEU B 212 9.94 19.16 6.35
CA LEU B 212 9.04 19.65 5.30
C LEU B 212 7.63 19.78 5.83
N GLU B 213 7.17 18.79 6.56
CA GLU B 213 5.79 18.80 6.99
C GLU B 213 5.57 19.94 8.00
N GLU B 214 6.63 20.30 8.73
CA GLU B 214 6.54 21.49 9.58
C GLU B 214 6.16 22.75 8.77
N GLU B 215 6.71 22.86 7.58
CA GLU B 215 6.49 23.99 6.71
C GLU B 215 5.15 23.86 5.97
N ALA B 216 4.70 22.62 5.72
CA ALA B 216 3.34 22.39 5.20
C ALA B 216 2.29 22.80 6.21
N VAL B 217 2.52 22.51 7.49
CA VAL B 217 1.58 22.96 8.53
C VAL B 217 1.51 24.50 8.65
N ILE B 218 2.67 25.12 8.85
CA ILE B 218 2.77 26.56 8.73
C ILE B 218 1.86 27.04 7.59
N THR B 219 2.06 26.58 6.37
CA THR B 219 1.32 27.18 5.24
C THR B 219 -0.18 26.95 5.47
N TYR B 220 -0.59 25.69 5.47
CA TYR B 220 -2.02 25.37 5.61
C TYR B 220 -2.72 26.02 6.84
N THR B 221 -1.97 26.31 7.92
CA THR B 221 -2.53 27.14 9.02
C THR B 221 -2.68 28.57 8.43
N GLY B 222 -1.59 29.19 8.01
CA GLY B 222 -1.65 30.53 7.40
C GLY B 222 -2.85 30.70 6.47
N VAL B 223 -3.06 29.75 5.59
CA VAL B 223 -4.17 29.76 4.67
C VAL B 223 -5.47 29.84 5.45
N MET B 224 -5.62 29.00 6.47
CA MET B 224 -6.83 29.02 7.31
C MET B 224 -6.96 30.32 8.05
N ARG B 225 -5.87 30.86 8.57
CA ARG B 225 -5.94 32.20 9.15
C ARG B 225 -6.49 33.15 8.04
N ALA B 226 -5.86 33.16 6.86
CA ALA B 226 -6.21 34.10 5.76
C ALA B 226 -7.67 34.06 5.32
N ILE B 227 -8.29 32.88 5.28
CA ILE B 227 -9.77 32.78 5.13
C ILE B 227 -10.50 33.51 6.25
N ASP B 228 -10.07 33.24 7.49
CA ASP B 228 -10.69 33.77 8.70
C ASP B 228 -10.51 35.26 8.86
N GLU B 229 -9.29 35.75 8.70
CA GLU B 229 -9.04 37.18 8.63
C GLU B 229 -9.67 37.85 7.39
N GLY B 230 -10.37 37.09 6.53
CA GLY B 230 -11.12 37.68 5.42
C GLY B 230 -10.35 37.91 4.13
N ARG B 231 -9.02 38.09 4.24
CA ARG B 231 -8.03 38.27 3.11
C ARG B 231 -7.96 37.21 1.99
N LEU B 232 -8.72 36.13 2.09
CA LEU B 232 -8.83 35.22 1.00
C LEU B 232 -10.26 34.74 0.96
N ARG B 233 -10.83 34.81 -0.24
CA ARG B 233 -12.25 34.63 -0.44
C ARG B 233 -12.31 33.42 -1.36
N PRO B 234 -12.39 32.23 -0.76
CA PRO B 234 -12.34 31.04 -1.59
C PRO B 234 -13.64 30.83 -2.36
N THR B 235 -13.51 30.39 -3.61
CA THR B 235 -14.61 30.33 -4.56
C THR B 235 -15.08 28.89 -4.92
N LYS B 236 -14.35 27.87 -4.44
CA LYS B 236 -14.76 26.48 -4.57
C LYS B 236 -15.07 25.92 -3.20
N ASN B 237 -16.25 26.31 -2.73
CA ASN B 237 -16.84 25.69 -1.55
C ASN B 237 -17.75 24.49 -1.94
N ASP B 238 -17.77 24.19 -3.24
CA ASP B 238 -18.07 22.85 -3.71
C ASP B 238 -16.78 22.03 -3.44
N VAL B 239 -16.76 21.22 -2.35
CA VAL B 239 -15.64 20.27 -2.10
C VAL B 239 -15.72 19.00 -2.98
N PRO B 240 -14.67 18.74 -3.76
CA PRO B 240 -14.70 17.68 -4.77
C PRO B 240 -15.20 16.35 -4.27
N GLU B 241 -16.01 15.64 -5.02
CA GLU B 241 -16.35 14.30 -4.55
C GLU B 241 -15.12 13.51 -4.01
N VAL B 242 -14.06 13.26 -4.83
CA VAL B 242 -12.86 12.45 -4.38
C VAL B 242 -12.53 12.56 -2.91
N ALA B 243 -12.47 13.82 -2.51
CA ALA B 243 -12.04 14.28 -1.21
C ALA B 243 -13.15 14.01 -0.25
N ARG B 244 -14.35 14.48 -0.60
CA ARG B 244 -15.50 14.37 0.28
C ARG B 244 -15.60 12.94 0.77
N VAL B 245 -15.52 11.95 -0.12
CA VAL B 245 -15.49 10.55 0.38
C VAL B 245 -14.18 10.32 1.18
N TYR B 246 -13.01 10.64 0.58
CA TYR B 246 -11.68 10.30 1.17
C TYR B 246 -11.57 10.72 2.60
N TRP B 247 -11.96 11.97 2.87
CA TRP B 247 -11.92 12.55 4.21
C TRP B 247 -13.23 12.46 4.96
N ASN B 248 -14.19 11.79 4.36
CA ASN B 248 -15.54 11.69 4.87
C ASN B 248 -16.13 12.97 5.45
N LEU B 249 -16.38 13.98 4.63
CA LEU B 249 -16.97 15.20 5.12
C LEU B 249 -18.42 15.28 4.65
N SER B 250 -19.17 16.20 5.26
CA SER B 250 -20.54 16.54 4.84
C SER B 250 -20.54 17.10 3.41
N LYS B 251 -21.74 17.25 2.87
CA LYS B 251 -21.89 17.96 1.58
C LYS B 251 -21.69 19.43 1.84
N ASN B 252 -21.96 19.88 3.06
CA ASN B 252 -21.73 21.29 3.46
C ASN B 252 -20.27 21.63 3.81
N ALA B 253 -19.34 20.70 3.61
CA ALA B 253 -17.94 20.99 3.88
C ALA B 253 -17.41 22.12 3.01
N THR B 254 -16.89 23.18 3.64
CA THR B 254 -16.22 24.33 2.97
C THR B 254 -14.77 24.06 2.55
N PHE B 255 -14.16 25.02 1.86
CA PHE B 255 -12.76 24.95 1.44
C PHE B 255 -11.85 24.93 2.66
N ARG B 256 -12.00 25.93 3.54
CA ARG B 256 -11.34 25.90 4.84
C ARG B 256 -11.41 24.51 5.45
N ASP B 257 -12.60 23.91 5.48
CA ASP B 257 -12.76 22.58 6.06
C ASP B 257 -11.82 21.56 5.44
N LEU B 258 -11.66 21.64 4.13
CA LEU B 258 -10.71 20.79 3.42
C LEU B 258 -9.26 21.10 3.82
N ILE B 259 -8.83 22.33 3.60
CA ILE B 259 -7.55 22.79 4.14
C ILE B 259 -7.33 22.26 5.54
N ASN B 260 -8.33 22.39 6.39
CA ASN B 260 -8.20 21.97 7.79
C ASN B 260 -7.75 20.51 7.94
N VAL B 261 -8.39 19.59 7.20
CA VAL B 261 -8.02 18.18 7.27
C VAL B 261 -6.67 17.99 6.59
N ILE B 262 -6.53 18.45 5.36
CA ILE B 262 -5.26 18.27 4.68
C ILE B 262 -4.12 18.62 5.67
N ARG B 263 -4.25 19.74 6.35
CA ARG B 263 -3.28 20.16 7.37
C ARG B 263 -3.04 19.14 8.53
N ALA B 264 -4.12 18.53 9.01
CA ALA B 264 -3.99 17.50 10.00
C ALA B 264 -3.08 16.45 9.41
N ASP B 265 -3.51 15.85 8.28
CA ASP B 265 -2.69 14.83 7.57
C ASP B 265 -1.23 15.25 7.50
N GLU B 266 -0.98 16.48 7.08
CA GLU B 266 0.37 16.97 6.98
C GLU B 266 1.08 17.00 8.33
N ALA B 267 0.37 17.35 9.41
CA ALA B 267 0.99 17.30 10.78
C ALA B 267 1.14 15.89 11.31
N GLU B 268 0.28 14.97 10.87
CA GLU B 268 0.54 13.52 11.11
C GLU B 268 1.88 13.12 10.53
N HIS B 269 2.09 13.47 9.28
CA HIS B 269 3.30 13.08 8.58
C HIS B 269 4.52 13.74 9.24
N ARG B 270 4.34 14.96 9.71
CA ARG B 270 5.41 15.63 10.47
C ARG B 270 5.94 14.84 11.70
N VAL B 271 5.05 14.34 12.55
CA VAL B 271 5.50 13.61 13.73
C VAL B 271 6.08 12.31 13.22
N VAL B 272 5.30 11.58 12.42
CA VAL B 272 5.62 10.22 12.02
C VAL B 272 7.00 10.14 11.39
N ASN B 273 7.28 11.01 10.41
CA ASN B 273 8.63 11.07 9.88
C ASN B 273 9.69 11.48 10.94
N HIS B 274 9.40 12.36 11.91
CA HIS B 274 10.46 12.78 12.87
C HIS B 274 10.73 11.62 13.84
N THR B 275 9.63 10.97 14.21
CA THR B 275 9.69 9.77 15.01
C THR B 275 10.60 8.75 14.30
N PHE B 276 10.32 8.52 13.01
CA PHE B 276 11.12 7.55 12.26
C PHE B 276 12.59 7.95 12.18
N ALA B 277 12.86 9.22 11.91
CA ALA B 277 14.22 9.70 11.87
C ALA B 277 14.82 9.69 13.28
N ASP B 278 13.97 9.85 14.31
CA ASP B 278 14.41 9.63 15.71
C ASP B 278 14.73 8.13 16.00
N MET B 279 13.84 7.23 15.59
CA MET B 279 14.14 5.80 15.70
C MET B 279 15.41 5.38 14.97
N HIS B 280 15.63 5.99 13.81
CA HIS B 280 16.82 5.68 13.08
C HIS B 280 18.01 6.05 13.94
N GLU B 281 18.01 7.30 14.37
CA GLU B 281 19.09 7.87 15.18
C GLU B 281 19.54 7.00 16.34
N LYS B 282 18.63 6.28 16.99
CA LYS B 282 19.01 5.45 18.11
C LYS B 282 19.07 3.98 17.69
N ARG B 283 19.39 3.71 16.42
CA ARG B 283 19.41 2.34 15.89
C ARG B 283 18.15 1.50 16.21
N LEU B 284 17.00 2.12 16.07
CA LEU B 284 15.72 1.44 16.20
C LEU B 284 14.99 1.32 14.85
N GLN B 285 15.73 1.45 13.74
CA GLN B 285 15.15 1.14 12.38
C GLN B 285 14.71 -0.28 12.19
N ASN B 286 14.56 -1.05 13.25
CA ASN B 286 13.93 -2.37 13.19
C ASN B 286 12.92 -2.64 14.23
N SER B 287 12.55 -1.59 14.93
CA SER B 287 11.65 -1.72 16.04
C SER B 287 10.24 -1.57 15.47
N VAL B 288 9.24 -2.03 16.21
CA VAL B 288 7.87 -2.01 15.72
C VAL B 288 7.60 -0.55 15.47
N ASN B 289 7.11 -0.24 14.26
CA ASN B 289 6.68 1.11 13.95
C ASN B 289 5.70 1.47 15.06
N PRO B 290 6.03 2.46 15.90
CA PRO B 290 5.12 2.74 17.05
C PRO B 290 3.69 3.02 16.65
N PHE B 291 3.47 3.60 15.48
CA PHE B 291 2.17 4.11 15.11
C PHE B 291 1.22 3.03 14.66
N VAL B 292 1.68 1.81 14.39
CA VAL B 292 0.71 0.75 14.15
C VAL B 292 -0.32 0.70 15.26
N VAL B 293 0.13 0.60 16.51
CA VAL B 293 -0.78 0.60 17.66
C VAL B 293 -1.65 1.85 17.72
N LEU B 294 -1.01 3.02 17.74
CA LEU B 294 -1.70 4.33 17.88
C LEU B 294 -2.80 4.54 16.78
N LYS B 295 -2.86 3.65 15.79
CA LYS B 295 -4.05 3.46 14.93
C LYS B 295 -5.13 2.64 15.67
N VAL C 32 19.19 33.43 60.58
CA VAL C 32 19.67 34.62 61.36
C VAL C 32 19.01 35.95 60.84
N TRP C 33 17.68 35.95 60.84
CA TRP C 33 16.87 37.15 60.64
C TRP C 33 15.70 37.11 61.62
N GLY C 34 15.85 37.87 62.71
CA GLY C 34 14.85 37.95 63.77
C GLY C 34 15.02 39.20 64.61
N HIS C 35 14.53 39.17 65.85
CA HIS C 35 14.42 40.38 66.70
C HIS C 35 15.66 41.26 66.69
N THR C 36 16.85 40.68 66.90
CA THR C 36 18.08 41.48 67.01
C THR C 36 18.22 42.39 65.81
N GLN C 37 17.96 41.81 64.64
CA GLN C 37 18.02 42.54 63.39
C GLN C 37 16.84 43.53 63.28
N LEU C 38 15.64 43.07 63.66
CA LEU C 38 14.42 43.90 63.70
C LEU C 38 14.46 45.09 64.68
N ASN C 39 15.24 44.99 65.75
CA ASN C 39 15.30 46.09 66.71
C ASN C 39 16.35 47.11 66.32
N ARG C 40 16.98 46.95 65.15
CA ARG C 40 17.99 47.91 64.75
C ARG C 40 17.36 49.11 64.08
N LEU C 41 18.19 50.12 63.85
CA LEU C 41 17.68 51.40 63.41
C LEU C 41 17.71 51.47 61.94
N SER C 42 18.92 51.28 61.41
CA SER C 42 19.22 51.36 59.98
C SER C 42 20.33 50.40 59.58
N PHE C 43 20.15 49.72 58.47
CA PHE C 43 21.22 48.85 57.96
C PHE C 43 22.23 49.52 57.02
N LEU C 44 22.02 50.80 56.72
CA LEU C 44 22.99 51.68 56.02
C LEU C 44 24.46 51.42 56.24
N GLU C 45 24.85 51.09 57.46
CA GLU C 45 26.26 50.82 57.75
C GLU C 45 26.77 49.56 57.05
N THR C 46 25.91 48.56 56.83
CA THR C 46 26.31 47.29 56.14
C THR C 46 26.46 47.28 54.60
N VAL C 47 25.92 48.30 53.88
CA VAL C 47 25.90 48.19 52.41
C VAL C 47 27.28 48.05 51.79
N PRO C 48 28.30 48.80 52.28
CA PRO C 48 29.68 48.56 51.85
C PRO C 48 30.23 47.12 51.86
N VAL C 49 29.71 46.22 52.70
CA VAL C 49 30.20 44.82 52.68
C VAL C 49 29.25 43.74 52.11
N VAL C 50 28.11 44.13 51.51
CA VAL C 50 27.18 43.13 50.97
C VAL C 50 27.46 42.91 49.48
N PRO C 51 27.65 41.64 49.02
CA PRO C 51 27.96 41.41 47.58
C PRO C 51 26.81 41.61 46.58
N LEU C 52 27.15 42.06 45.38
CA LEU C 52 26.21 42.06 44.24
C LEU C 52 26.15 40.61 43.76
N ARG C 53 25.01 39.97 43.98
CA ARG C 53 24.75 38.66 43.41
C ARG C 53 23.67 38.77 42.33
N VAL C 54 23.81 37.85 41.40
CA VAL C 54 23.03 37.82 40.18
C VAL C 54 21.72 37.09 40.47
N SER C 55 21.72 36.29 41.54
CA SER C 55 20.49 35.69 42.10
C SER C 55 19.59 36.74 42.77
N ASP C 56 20.20 37.73 43.42
CA ASP C 56 19.46 38.79 44.12
C ASP C 56 18.65 39.64 43.17
N GLU C 57 18.97 39.55 41.88
CA GLU C 57 18.38 40.39 40.86
C GLU C 57 16.88 40.12 40.63
N SER C 58 16.43 38.95 41.07
CA SER C 58 15.04 38.54 41.00
C SER C 58 14.52 38.15 42.35
N SER C 59 13.24 37.80 42.34
CA SER C 59 12.65 37.04 43.40
C SER C 59 13.10 35.61 43.19
N GLU C 60 13.03 34.86 44.27
CA GLU C 60 13.26 33.45 44.23
C GLU C 60 12.21 32.67 43.40
N ASP C 61 11.12 33.29 42.94
CA ASP C 61 10.10 32.58 42.16
C ASP C 61 10.57 32.57 40.74
N ARG C 62 11.41 31.58 40.43
CA ARG C 62 12.17 31.48 39.17
C ARG C 62 11.68 30.31 38.37
N PRO C 63 11.65 30.44 37.01
CA PRO C 63 11.00 29.42 36.22
C PRO C 63 11.90 28.22 36.15
N THR C 64 11.26 27.06 36.05
CA THR C 64 11.98 25.79 36.09
C THR C 64 11.54 24.91 34.90
N TRP C 65 12.25 25.00 33.77
CA TRP C 65 11.88 24.26 32.55
C TRP C 65 12.72 22.99 32.37
N SER C 66 12.31 22.06 31.53
CA SER C 66 13.19 21.00 30.99
C SER C 66 13.40 21.23 29.50
N LEU C 67 14.65 21.47 29.07
CA LEU C 67 14.93 21.91 27.69
C LEU C 67 14.24 20.99 26.68
N PRO C 68 14.41 19.66 26.80
CA PRO C 68 13.65 18.67 26.05
C PRO C 68 12.19 19.00 25.84
N ASP C 69 11.49 19.24 26.95
CA ASP C 69 10.04 19.39 26.98
C ASP C 69 9.59 20.69 26.33
N ILE C 70 10.36 21.76 26.52
CA ILE C 70 9.99 23.08 25.97
C ILE C 70 10.41 23.26 24.51
N GLU C 71 11.13 22.30 23.98
CA GLU C 71 11.30 22.25 22.53
C GLU C 71 9.90 22.21 21.95
N ASN C 72 9.14 21.18 22.31
CA ASN C 72 7.70 20.99 21.99
C ASN C 72 6.72 22.15 22.21
N VAL C 73 7.16 23.27 22.80
CA VAL C 73 6.29 24.48 22.88
C VAL C 73 5.88 24.85 21.47
N ALA C 74 4.62 24.62 21.17
CA ALA C 74 4.03 25.04 19.90
C ALA C 74 3.77 26.55 19.74
N ILE C 75 3.61 26.92 18.47
CA ILE C 75 2.86 28.11 18.11
C ILE C 75 1.38 27.79 18.14
N THR C 76 0.61 28.64 18.84
CA THR C 76 -0.84 28.55 18.85
C THR C 76 -1.46 29.90 18.51
N HIS C 77 -2.71 29.83 18.05
CA HIS C 77 -3.56 30.98 17.97
C HIS C 77 -4.98 30.64 18.40
N LYS C 78 -5.49 31.52 19.26
CA LYS C 78 -6.81 31.43 19.85
C LYS C 78 -7.72 32.36 19.05
N LYS C 79 -8.76 31.79 18.42
CA LYS C 79 -9.74 32.57 17.65
C LYS C 79 -10.34 33.66 18.58
N PRO C 80 -10.43 34.92 18.11
CA PRO C 80 -11.31 35.90 18.81
C PRO C 80 -12.78 35.48 18.76
N ASN C 81 -13.52 35.83 19.80
CA ASN C 81 -14.96 35.53 19.85
C ASN C 81 -15.95 36.70 19.96
N GLY C 82 -15.47 37.94 20.07
CA GLY C 82 -16.37 39.09 19.99
C GLY C 82 -15.62 40.38 19.79
N LEU C 83 -16.36 41.47 19.76
CA LEU C 83 -15.80 42.78 19.48
C LEU C 83 -14.55 43.09 20.34
N VAL C 84 -14.54 42.60 21.57
CA VAL C 84 -13.47 42.89 22.52
C VAL C 84 -12.20 42.11 22.17
N ASP C 85 -12.33 40.82 21.90
CA ASP C 85 -11.18 40.02 21.45
C ASP C 85 -10.64 40.51 20.11
N THR C 86 -11.56 40.86 19.21
CA THR C 86 -11.18 41.39 17.91
C THR C 86 -10.50 42.73 18.05
N LEU C 87 -11.07 43.66 18.82
CA LEU C 87 -10.42 44.97 18.96
C LEU C 87 -9.02 44.88 19.57
N ALA C 88 -8.77 43.81 20.33
CA ALA C 88 -7.42 43.51 20.83
C ALA C 88 -6.55 42.90 19.73
N TYR C 89 -6.99 41.76 19.18
CA TYR C 89 -6.28 41.06 18.09
C TYR C 89 -5.77 42.04 17.04
N ARG C 90 -6.71 42.81 16.51
CA ARG C 90 -6.43 43.80 15.48
C ARG C 90 -5.42 44.82 16.02
N SER C 91 -5.67 45.32 17.23
CA SER C 91 -4.75 46.27 17.89
C SER C 91 -3.32 45.74 17.98
N VAL C 92 -3.15 44.44 18.21
CA VAL C 92 -1.80 43.83 18.20
C VAL C 92 -1.23 43.71 16.79
N ARG C 93 -2.03 43.23 15.83
CA ARG C 93 -1.61 43.18 14.42
C ARG C 93 -1.06 44.53 13.98
N THR C 94 -1.73 45.62 14.41
CA THR C 94 -1.27 46.99 14.19
C THR C 94 0.09 47.22 14.84
N CYS C 95 0.26 46.73 16.05
CA CYS C 95 1.50 46.94 16.83
C CYS C 95 2.74 46.17 16.34
N ARG C 96 2.55 45.16 15.48
CA ARG C 96 3.64 44.53 14.71
C ARG C 96 3.79 45.21 13.35
N TRP C 97 2.67 45.68 12.78
CA TRP C 97 2.70 46.51 11.59
C TRP C 97 3.48 47.80 11.96
N LEU C 98 3.03 48.47 13.02
CA LEU C 98 3.68 49.67 13.61
C LEU C 98 5.18 49.57 13.85
N PHE C 99 5.66 48.35 14.15
CA PHE C 99 7.05 48.13 14.53
C PHE C 99 7.93 47.51 13.44
N ASP C 100 7.38 46.55 12.67
CA ASP C 100 8.08 46.00 11.48
C ASP C 100 8.49 47.09 10.52
N THR C 101 7.65 48.13 10.44
CA THR C 101 7.95 49.33 9.66
C THR C 101 9.00 50.21 10.36
N PHE C 102 8.70 50.70 11.57
CA PHE C 102 9.58 51.67 12.27
C PHE C 102 10.92 51.10 12.80
N SER C 103 11.09 49.78 12.81
CA SER C 103 12.42 49.16 13.08
C SER C 103 13.21 48.81 11.79
N LEU C 104 12.53 48.70 10.64
CA LEU C 104 13.14 48.36 9.33
C LEU C 104 13.77 46.97 9.36
N TYR C 105 12.92 45.97 9.62
CA TYR C 105 13.36 44.60 9.92
C TYR C 105 13.32 43.61 8.72
N ARG C 106 12.41 43.79 7.76
CA ARG C 106 12.02 42.70 6.82
C ARG C 106 12.63 42.71 5.37
N PHE C 107 13.85 43.24 5.21
CA PHE C 107 14.68 42.95 4.00
C PHE C 107 16.16 43.30 4.21
N GLY C 108 17.04 42.37 3.85
CA GLY C 108 18.48 42.48 4.05
C GLY C 108 19.09 41.15 4.47
N SER C 109 19.35 41.01 5.78
CA SER C 109 19.82 39.75 6.41
C SER C 109 19.52 39.73 7.93
N ILE C 110 18.99 38.61 8.45
CA ILE C 110 18.60 38.49 9.88
C ILE C 110 19.82 38.46 10.84
N THR C 111 20.43 39.63 11.02
CA THR C 111 21.71 39.78 11.76
C THR C 111 21.49 39.80 13.27
N GLU C 112 22.53 39.43 14.03
CA GLU C 112 22.43 39.36 15.50
C GLU C 112 21.94 40.67 16.11
N SER C 113 22.38 41.81 15.57
CA SER C 113 21.98 43.11 16.13
C SER C 113 20.48 43.34 16.14
N LYS C 114 19.89 43.61 14.97
CA LYS C 114 18.46 43.94 14.88
C LYS C 114 17.54 42.93 15.60
N VAL C 115 17.95 41.67 15.62
CA VAL C 115 17.24 40.59 16.32
C VAL C 115 17.19 40.92 17.82
N ILE C 116 18.38 40.95 18.43
CA ILE C 116 18.56 41.23 19.87
C ILE C 116 17.95 42.59 20.27
N SER C 117 18.26 43.63 19.50
CA SER C 117 17.77 45.00 19.76
C SER C 117 16.27 45.18 19.56
N ARG C 118 15.67 44.37 18.70
CA ARG C 118 14.21 44.33 18.58
C ARG C 118 13.52 43.87 19.89
N CYS C 119 14.12 42.87 20.54
CA CYS C 119 13.59 42.28 21.79
C CYS C 119 13.88 43.18 23.01
N LEU C 120 15.12 43.65 23.08
CA LEU C 120 15.59 44.61 24.09
C LEU C 120 14.75 45.88 24.15
N PHE C 121 14.18 46.28 23.02
CA PHE C 121 13.09 47.26 23.00
C PHE C 121 11.82 46.64 23.63
N LEU C 122 11.34 45.58 23.01
CA LEU C 122 10.04 45.00 23.33
C LEU C 122 9.83 44.50 24.77
N GLU C 123 10.91 44.16 25.49
CA GLU C 123 10.79 43.74 26.89
C GLU C 123 10.52 44.91 27.80
N THR C 124 11.04 46.10 27.45
CA THR C 124 10.77 47.32 28.23
C THR C 124 9.30 47.72 28.18
N VAL C 125 8.52 47.15 27.27
CA VAL C 125 7.07 47.32 27.29
C VAL C 125 6.34 46.13 27.94
N ALA C 126 6.84 44.92 27.77
CA ALA C 126 6.12 43.75 28.29
C ALA C 126 6.23 43.69 29.83
N GLY C 127 7.25 44.34 30.39
CA GLY C 127 7.36 44.48 31.84
C GLY C 127 6.40 45.49 32.46
N VAL C 128 5.41 45.94 31.69
CA VAL C 128 4.36 46.85 32.16
C VAL C 128 3.01 46.14 32.47
N PRO C 129 2.39 45.42 31.50
CA PRO C 129 1.02 44.87 31.71
C PRO C 129 0.65 44.26 33.07
N GLY C 130 1.45 43.29 33.49
CA GLY C 130 1.18 42.53 34.69
C GLY C 130 1.44 43.38 35.90
N MET C 131 2.47 44.21 35.86
CA MET C 131 2.69 45.15 36.93
C MET C 131 1.39 45.92 37.18
N VAL C 132 0.87 46.67 36.18
CA VAL C 132 -0.45 47.37 36.36
C VAL C 132 -1.58 46.40 36.72
N GLY C 133 -1.58 45.22 36.11
CA GLY C 133 -2.64 44.26 36.39
C GLY C 133 -2.69 43.83 37.84
N GLY C 134 -1.52 43.75 38.48
CA GLY C 134 -1.43 43.27 39.86
C GLY C 134 -1.68 44.41 40.81
N MET C 135 -0.91 45.48 40.61
CA MET C 135 -1.20 46.76 41.22
C MET C 135 -2.72 47.01 41.31
N LEU C 136 -3.40 47.08 40.18
CA LEU C 136 -4.82 47.43 40.19
C LEU C 136 -5.64 46.36 40.92
N ARG C 137 -5.27 45.10 40.78
CA ARG C 137 -5.92 44.00 41.53
C ARG C 137 -5.57 44.00 43.04
N HIS C 138 -4.36 44.46 43.34
CA HIS C 138 -3.85 44.60 44.70
C HIS C 138 -4.65 45.69 45.42
N LEU C 139 -4.81 46.86 44.79
CA LEU C 139 -5.55 47.97 45.41
C LEU C 139 -7.06 47.63 45.45
N SER C 140 -7.57 46.97 44.42
CA SER C 140 -8.93 46.46 44.52
C SER C 140 -9.07 45.61 45.79
N SER C 141 -8.13 44.70 46.04
CA SER C 141 -8.16 43.83 47.23
C SER C 141 -8.17 44.63 48.53
N LEU C 142 -7.33 45.67 48.57
CA LEU C 142 -7.29 46.59 49.70
C LEU C 142 -8.64 47.21 49.97
N ARG C 143 -9.11 48.03 49.02
CA ARG C 143 -10.21 48.97 49.31
C ARG C 143 -11.58 48.32 49.48
N TYR C 144 -11.90 47.32 48.65
CA TYR C 144 -13.12 46.52 48.89
C TYR C 144 -12.89 45.46 49.99
N MET C 145 -11.65 45.30 50.45
CA MET C 145 -11.32 44.45 51.60
C MET C 145 -11.73 43.01 51.33
N THR C 146 -11.32 42.54 50.16
CA THR C 146 -11.67 41.23 49.64
C THR C 146 -10.44 40.37 49.55
N ARG C 147 -10.64 39.07 49.38
CA ARG C 147 -9.56 38.21 48.85
C ARG C 147 -9.22 38.55 47.39
N ASP C 148 -8.09 38.00 46.94
CA ASP C 148 -7.61 38.14 45.55
C ASP C 148 -7.69 36.83 44.80
N LYS C 149 -7.24 35.80 45.53
CA LYS C 149 -7.34 34.38 45.21
C LYS C 149 -6.15 33.93 44.40
N GLY C 150 -5.10 34.76 44.33
CA GLY C 150 -3.82 34.36 43.74
C GLY C 150 -3.46 34.96 42.38
N TRP C 151 -4.21 35.97 41.93
CA TRP C 151 -3.91 36.64 40.65
C TRP C 151 -2.66 37.54 40.79
N ILE C 152 -2.61 38.32 41.87
CA ILE C 152 -1.66 39.42 41.93
C ILE C 152 -0.23 38.94 41.76
N ASN C 153 0.10 37.77 42.32
CA ASN C 153 1.49 37.27 42.28
C ASN C 153 1.91 36.76 40.91
N THR C 154 1.00 36.02 40.23
CA THR C 154 1.19 35.66 38.81
C THR C 154 1.60 36.91 38.07
N LEU C 155 0.74 37.94 38.15
CA LEU C 155 0.87 39.16 37.37
C LEU C 155 2.14 39.94 37.72
N LEU C 156 2.54 39.92 38.99
CA LEU C 156 3.75 40.64 39.39
C LEU C 156 5.00 39.92 38.97
N VAL C 157 5.00 38.57 39.01
CA VAL C 157 6.14 37.82 38.46
C VAL C 157 6.05 37.78 36.93
N GLU C 158 4.83 37.73 36.36
CA GLU C 158 4.67 37.91 34.91
C GLU C 158 5.53 39.08 34.48
N ALA C 159 5.53 40.16 35.27
CA ALA C 159 6.31 41.35 34.96
C ALA C 159 7.79 41.21 35.28
N GLU C 160 8.07 40.75 36.51
CA GLU C 160 9.44 40.48 36.99
C GLU C 160 10.19 39.74 35.90
N ASN C 161 9.54 38.69 35.40
CA ASN C 161 10.09 37.79 34.39
C ASN C 161 10.54 38.49 33.13
N GLU C 162 9.64 39.29 32.57
CA GLU C 162 9.94 40.03 31.35
C GLU C 162 11.10 41.01 31.59
N ARG C 163 11.21 41.52 32.82
CA ARG C 163 12.32 42.39 33.13
C ARG C 163 13.58 41.59 33.04
N MET C 164 13.56 40.40 33.64
CA MET C 164 14.71 39.51 33.63
C MET C 164 15.15 39.08 32.24
N HIS C 165 14.22 38.96 31.30
CA HIS C 165 14.57 38.84 29.87
C HIS C 165 15.43 40.09 29.53
N LEU C 166 14.85 41.27 29.71
CA LEU C 166 15.52 42.55 29.45
C LEU C 166 16.87 42.65 30.16
N MET C 167 16.94 42.08 31.35
CA MET C 167 18.18 42.07 32.14
C MET C 167 19.23 41.18 31.52
N THR C 168 18.76 40.10 30.90
CA THR C 168 19.61 39.25 30.11
C THR C 168 19.98 39.88 28.77
N PHE C 169 19.00 40.50 28.09
CA PHE C 169 19.28 41.09 26.76
C PHE C 169 20.22 42.29 26.81
N ILE C 170 20.25 42.98 27.95
CA ILE C 170 21.11 44.18 28.12
C ILE C 170 22.63 43.77 28.09
N GLU C 171 22.94 42.60 28.63
CA GLU C 171 24.31 42.12 28.74
C GLU C 171 24.80 41.65 27.36
N LEU C 172 23.87 41.45 26.42
CA LEU C 172 24.23 41.11 25.07
C LEU C 172 24.60 42.40 24.35
N ARG C 173 23.61 43.25 24.12
CA ARG C 173 23.74 44.43 23.27
C ARG C 173 23.53 45.75 24.05
N GLN C 174 24.24 46.82 23.64
CA GLN C 174 24.16 48.14 24.28
C GLN C 174 23.64 49.22 23.32
N PRO C 175 22.31 49.49 23.30
CA PRO C 175 21.76 50.42 22.28
C PRO C 175 22.06 51.92 22.49
N GLY C 176 22.66 52.54 21.48
CA GLY C 176 22.93 53.96 21.52
C GLY C 176 21.65 54.77 21.63
N LEU C 177 21.87 56.06 21.83
CA LEU C 177 20.82 57.01 22.27
C LEU C 177 19.42 56.92 21.62
N PRO C 178 19.33 56.89 20.28
CA PRO C 178 18.00 57.01 19.62
C PRO C 178 16.98 55.97 20.11
N LEU C 179 17.46 54.74 20.27
CA LEU C 179 16.66 53.62 20.74
C LEU C 179 16.39 53.76 22.24
N ARG C 180 17.38 54.26 23.00
CA ARG C 180 17.18 54.62 24.41
C ARG C 180 16.10 55.68 24.66
N VAL C 181 15.90 56.58 23.70
CA VAL C 181 14.91 57.66 23.83
C VAL C 181 13.48 57.22 23.51
N SER C 182 13.27 56.43 22.46
CA SER C 182 11.90 56.02 22.13
C SER C 182 11.42 55.03 23.20
N ILE C 183 12.34 54.21 23.68
CA ILE C 183 12.12 53.29 24.80
C ILE C 183 11.36 53.96 25.94
N ILE C 184 11.91 55.09 26.40
CA ILE C 184 11.35 55.88 27.50
C ILE C 184 9.93 56.27 27.12
N ILE C 185 9.83 57.02 26.02
CA ILE C 185 8.60 57.70 25.65
C ILE C 185 7.49 56.69 25.32
N THR C 186 7.92 55.45 24.96
CA THR C 186 7.00 54.33 24.77
C THR C 186 6.39 53.94 26.09
N GLN C 187 7.23 53.81 27.11
CA GLN C 187 6.79 53.48 28.47
C GLN C 187 5.85 54.52 29.06
N ALA C 188 6.10 55.79 28.70
CA ALA C 188 5.18 56.89 28.97
C ALA C 188 3.82 56.58 28.37
N ILE C 189 3.81 56.35 27.06
CA ILE C 189 2.58 56.12 26.31
C ILE C 189 1.88 54.80 26.70
N MET C 190 2.70 53.78 27.01
CA MET C 190 2.21 52.42 27.24
C MET C 190 1.72 52.21 28.67
N TYR C 191 2.45 52.77 29.64
CA TYR C 191 1.96 52.77 31.02
C TYR C 191 0.57 53.34 31.02
N LEU C 192 0.49 54.57 30.52
CA LEU C 192 -0.75 55.31 30.48
C LEU C 192 -1.86 54.55 29.73
N PHE C 193 -1.58 54.08 28.51
CA PHE C 193 -2.53 53.25 27.74
C PHE C 193 -3.07 52.10 28.61
N LEU C 194 -2.13 51.27 29.08
CA LEU C 194 -2.45 50.09 29.90
C LEU C 194 -3.24 50.48 31.13
N LEU C 195 -2.84 51.59 31.77
CA LEU C 195 -3.50 52.03 32.98
C LEU C 195 -4.98 52.25 32.71
N VAL C 196 -5.30 53.22 31.85
CA VAL C 196 -6.73 53.50 31.61
C VAL C 196 -7.42 52.28 30.93
N ALA C 197 -6.64 51.52 30.17
CA ALA C 197 -7.19 50.32 29.53
C ALA C 197 -7.65 49.32 30.59
N TYR C 198 -6.76 49.03 31.56
CA TYR C 198 -6.97 47.94 32.54
C TYR C 198 -8.22 48.26 33.35
N VAL C 199 -8.39 49.55 33.64
CA VAL C 199 -9.55 50.07 34.38
C VAL C 199 -10.86 49.86 33.62
N ILE C 200 -10.86 50.26 32.34
CA ILE C 200 -12.07 50.20 31.50
C ILE C 200 -12.43 48.73 31.18
N SER C 201 -11.56 48.01 30.47
CA SER C 201 -11.74 46.54 30.30
C SER C 201 -10.45 45.81 30.61
N PRO C 202 -10.43 45.10 31.74
CA PRO C 202 -9.26 44.25 31.91
C PRO C 202 -9.27 43.16 30.84
N ARG C 203 -10.45 42.64 30.56
CA ARG C 203 -10.63 41.64 29.51
C ARG C 203 -9.83 41.93 28.24
N PHE C 204 -9.98 43.13 27.71
CA PHE C 204 -9.25 43.57 26.53
C PHE C 204 -7.75 43.52 26.79
N VAL C 205 -7.33 43.98 27.95
CA VAL C 205 -5.89 44.03 28.28
C VAL C 205 -5.30 42.61 28.48
N HIS C 206 -6.10 41.70 29.02
CA HIS C 206 -5.63 40.35 29.16
C HIS C 206 -5.55 39.70 27.80
N ARG C 207 -6.51 39.99 26.92
CA ARG C 207 -6.44 39.47 25.53
C ARG C 207 -5.33 40.15 24.70
N PHE C 208 -5.20 41.45 24.80
CA PHE C 208 -4.08 42.16 24.19
C PHE C 208 -2.71 41.55 24.52
N VAL C 209 -2.57 41.06 25.75
CA VAL C 209 -1.34 40.37 26.13
C VAL C 209 -1.35 39.00 25.48
N GLY C 210 -2.46 38.27 25.65
CA GLY C 210 -2.70 37.00 24.92
C GLY C 210 -2.04 37.00 23.54
N TYR C 211 -2.32 38.03 22.74
CA TYR C 211 -1.86 38.09 21.34
C TYR C 211 -0.41 38.55 21.17
N LEU C 212 -0.04 39.68 21.79
CA LEU C 212 1.38 40.01 22.03
C LEU C 212 2.31 38.80 22.30
N GLU C 213 1.84 37.91 23.19
CA GLU C 213 2.60 36.73 23.52
C GLU C 213 2.59 35.81 22.32
N GLU C 214 1.39 35.42 21.84
CA GLU C 214 1.28 34.56 20.62
C GLU C 214 2.39 34.95 19.64
N GLU C 215 2.46 36.25 19.36
CA GLU C 215 3.51 36.84 18.54
C GLU C 215 4.97 36.61 19.04
N ALA C 216 5.22 36.81 20.34
CA ALA C 216 6.56 36.53 20.94
C ALA C 216 7.06 35.10 20.79
N VAL C 217 6.16 34.14 20.98
CA VAL C 217 6.46 32.73 20.78
C VAL C 217 6.90 32.59 19.33
N ILE C 218 6.03 32.98 18.38
CA ILE C 218 6.38 33.01 16.94
C ILE C 218 7.75 33.59 16.71
N THR C 219 7.96 34.86 17.04
CA THR C 219 9.30 35.45 16.90
C THR C 219 10.41 34.53 17.45
N TYR C 220 10.30 34.21 18.72
CA TYR C 220 11.37 33.49 19.39
C TYR C 220 11.59 32.13 18.79
N THR C 221 10.55 31.47 18.28
CA THR C 221 10.80 30.26 17.50
C THR C 221 11.55 30.73 16.24
N GLY C 222 11.06 31.77 15.55
CA GLY C 222 11.71 32.33 14.35
C GLY C 222 13.23 32.46 14.52
N VAL C 223 13.60 32.85 15.73
CA VAL C 223 14.99 32.93 16.13
C VAL C 223 15.70 31.56 16.28
N MET C 224 15.02 30.58 16.82
CA MET C 224 15.58 29.25 16.96
C MET C 224 15.66 28.62 15.56
N ARG C 225 14.57 28.73 14.80
CA ARG C 225 14.52 28.53 13.34
C ARG C 225 15.80 29.06 12.70
N ALA C 226 16.07 30.34 12.95
CA ALA C 226 17.21 31.05 12.37
C ALA C 226 18.55 30.54 12.84
N ILE C 227 18.60 30.08 14.09
CA ILE C 227 19.80 29.45 14.69
C ILE C 227 19.99 28.02 14.21
N ASP C 228 18.91 27.32 13.86
CA ASP C 228 19.00 25.98 13.30
C ASP C 228 19.48 25.95 11.83
N GLU C 229 19.06 26.93 11.02
CA GLU C 229 19.59 27.07 9.64
C GLU C 229 21.08 27.29 9.63
N GLY C 230 21.56 28.11 10.58
CA GLY C 230 22.87 28.72 10.53
C GLY C 230 22.82 30.23 10.32
N ARG C 231 21.68 30.78 9.85
CA ARG C 231 21.57 32.17 9.34
C ARG C 231 22.05 33.16 10.39
N LEU C 232 21.55 32.98 11.60
CA LEU C 232 22.01 33.70 12.78
C LEU C 232 22.83 32.73 13.63
N ARG C 233 24.05 33.15 13.96
CA ARG C 233 25.09 32.26 14.51
C ARG C 233 25.63 32.87 15.80
N PRO C 234 25.37 32.24 16.96
CA PRO C 234 25.89 32.83 18.22
C PRO C 234 27.42 32.75 18.46
N THR C 235 28.12 33.88 18.31
CA THR C 235 29.42 34.13 18.98
C THR C 235 29.14 34.55 20.42
N LYS C 236 27.94 35.12 20.64
CA LYS C 236 27.33 35.19 21.96
C LYS C 236 26.67 33.86 22.37
N ASN C 237 27.31 32.73 21.99
CA ASN C 237 27.12 31.44 22.67
C ASN C 237 27.44 31.52 24.16
N ASP C 238 27.97 32.67 24.57
CA ASP C 238 27.85 33.14 25.94
C ASP C 238 26.44 33.76 26.29
N VAL C 239 25.70 32.90 26.99
CA VAL C 239 24.54 33.25 27.78
C VAL C 239 25.03 34.04 29.01
N PRO C 240 24.44 35.23 29.27
CA PRO C 240 24.74 36.04 30.46
C PRO C 240 24.56 35.30 31.79
N GLU C 241 25.36 35.62 32.80
CA GLU C 241 25.20 34.92 34.08
C GLU C 241 23.84 35.20 34.74
N VAL C 242 23.36 36.45 34.71
CA VAL C 242 21.95 36.80 35.09
C VAL C 242 20.96 35.71 34.78
N ALA C 243 20.98 35.29 33.51
CA ALA C 243 20.09 34.27 32.95
C ALA C 243 20.54 32.83 33.20
N ARG C 244 21.85 32.66 33.42
CA ARG C 244 22.42 31.36 33.75
C ARG C 244 21.86 30.89 35.08
N VAL C 245 21.67 31.83 36.03
CA VAL C 245 21.12 31.48 37.37
C VAL C 245 19.59 31.63 37.45
N TYR C 246 19.02 32.54 36.63
CA TYR C 246 17.56 32.79 36.67
C TYR C 246 16.78 31.60 36.14
N TRP C 247 17.39 30.97 35.13
CA TRP C 247 16.81 29.81 34.50
C TRP C 247 17.58 28.53 34.85
N ASN C 248 18.61 28.62 35.70
CA ASN C 248 19.31 27.44 36.19
C ASN C 248 19.88 26.61 35.04
N LEU C 249 20.32 27.27 33.99
CA LEU C 249 20.84 26.58 32.83
C LEU C 249 22.22 26.08 33.19
N SER C 250 22.57 24.92 32.65
CA SER C 250 23.94 24.43 32.76
C SER C 250 24.95 25.43 32.15
N LYS C 251 26.21 25.11 32.41
CA LYS C 251 27.33 25.94 32.06
C LYS C 251 27.53 25.78 30.55
N ASN C 252 27.11 24.61 30.02
CA ASN C 252 27.05 24.30 28.59
C ASN C 252 25.66 24.56 28.01
N ALA C 253 25.18 25.79 28.12
CA ALA C 253 23.88 26.15 27.62
C ALA C 253 24.09 27.15 26.50
N THR C 254 23.75 26.76 25.26
CA THR C 254 23.94 27.64 24.11
C THR C 254 22.92 28.74 24.10
N PHE C 255 23.29 29.88 23.54
CA PHE C 255 22.35 30.94 23.30
C PHE C 255 21.01 30.51 22.66
N ARG C 256 20.91 29.27 22.18
CA ARG C 256 19.62 28.74 21.77
C ARG C 256 18.79 28.36 23.01
N ASP C 257 19.33 27.45 23.83
CA ASP C 257 18.78 27.11 25.18
C ASP C 257 18.15 28.33 25.96
N LEU C 258 18.86 29.47 25.94
CA LEU C 258 18.36 30.69 26.54
C LEU C 258 17.05 31.08 25.88
N ILE C 259 17.07 31.17 24.56
CA ILE C 259 15.88 31.52 23.78
C ILE C 259 14.77 30.50 24.07
N ASN C 260 15.20 29.24 24.14
CA ASN C 260 14.28 28.14 24.31
C ASN C 260 13.39 28.34 25.55
N VAL C 261 14.03 28.72 26.66
CA VAL C 261 13.32 29.13 27.90
C VAL C 261 12.56 30.44 27.73
N ILE C 262 13.23 31.49 27.25
CA ILE C 262 12.51 32.74 27.05
C ILE C 262 11.28 32.49 26.19
N ARG C 263 11.38 31.52 25.29
CA ARG C 263 10.23 31.17 24.52
C ARG C 263 9.14 30.59 25.41
N ALA C 264 9.53 29.64 26.24
CA ALA C 264 8.59 28.96 27.10
C ALA C 264 7.91 29.92 28.07
N ASP C 265 8.70 30.85 28.60
CA ASP C 265 8.17 31.95 29.42
C ASP C 265 7.02 32.65 28.70
N GLU C 266 7.31 33.31 27.58
CA GLU C 266 6.28 34.02 26.77
C GLU C 266 5.04 33.18 26.48
N ALA C 267 5.25 31.88 26.27
CA ALA C 267 4.17 30.96 26.11
C ALA C 267 3.36 30.81 27.39
N GLU C 268 4.04 30.66 28.54
CA GLU C 268 3.31 30.51 29.82
C GLU C 268 2.35 31.66 29.97
N HIS C 269 2.86 32.87 29.80
CA HIS C 269 2.00 34.05 29.89
C HIS C 269 0.91 33.98 28.82
N ARG C 270 1.28 33.66 27.57
CA ARG C 270 0.27 33.47 26.51
C ARG C 270 -1.00 32.79 27.02
N VAL C 271 -0.88 31.59 27.59
CA VAL C 271 -2.07 30.87 28.11
C VAL C 271 -2.68 31.48 29.38
N VAL C 272 -1.83 32.14 30.17
CA VAL C 272 -2.29 32.81 31.38
C VAL C 272 -3.27 33.93 31.06
N ASN C 273 -2.81 34.92 30.30
CA ASN C 273 -3.64 36.05 29.95
C ASN C 273 -4.88 35.63 29.10
N HIS C 274 -4.74 34.57 28.30
CA HIS C 274 -5.88 34.14 27.49
C HIS C 274 -6.84 33.49 28.40
N THR C 275 -6.32 32.86 29.45
CA THR C 275 -7.18 32.28 30.47
C THR C 275 -7.89 33.45 31.22
N PHE C 276 -7.13 34.46 31.60
CA PHE C 276 -7.68 35.58 32.36
C PHE C 276 -8.73 36.36 31.56
N ALA C 277 -8.39 36.80 30.35
CA ALA C 277 -9.38 37.45 29.50
C ALA C 277 -10.62 36.51 29.28
N ASP C 278 -10.43 35.20 29.15
CA ASP C 278 -11.58 34.29 29.12
C ASP C 278 -12.47 34.44 30.37
N MET C 279 -11.84 34.54 31.52
CA MET C 279 -12.59 34.62 32.79
C MET C 279 -13.42 35.90 32.89
N HIS C 280 -12.77 37.04 32.72
CA HIS C 280 -13.47 38.32 32.62
C HIS C 280 -14.73 38.20 31.73
N GLU C 281 -14.60 37.49 30.61
CA GLU C 281 -15.72 37.21 29.70
C GLU C 281 -16.83 36.41 30.39
N LYS C 282 -16.46 35.31 31.05
CA LYS C 282 -17.42 34.54 31.84
C LYS C 282 -17.70 35.15 33.25
N ARG C 283 -17.42 36.44 33.46
CA ARG C 283 -17.60 37.06 34.75
C ARG C 283 -17.01 36.20 35.86
N LEU C 284 -15.68 36.03 35.86
CA LEU C 284 -15.01 35.11 36.80
C LEU C 284 -13.69 35.68 37.40
N GLN C 285 -13.58 37.01 37.49
CA GLN C 285 -12.33 37.68 37.90
C GLN C 285 -12.09 37.49 39.39
N ASN C 286 -13.18 37.45 40.15
CA ASN C 286 -13.10 37.33 41.60
C ASN C 286 -13.02 35.88 42.06
N SER C 287 -13.16 34.95 41.10
CA SER C 287 -12.89 33.53 41.36
C SER C 287 -11.38 33.26 41.48
N VAL C 288 -11.12 32.02 41.88
CA VAL C 288 -9.77 31.57 42.18
C VAL C 288 -8.93 31.53 40.91
N ASN C 289 -7.68 32.00 40.99
CA ASN C 289 -6.69 31.77 39.94
C ASN C 289 -6.39 30.27 39.80
N PRO C 290 -6.64 29.67 38.60
CA PRO C 290 -6.34 28.25 38.43
C PRO C 290 -4.85 27.91 38.44
N PHE C 291 -3.99 28.86 38.10
CA PHE C 291 -2.56 28.57 37.91
C PHE C 291 -1.77 28.37 39.16
N VAL C 292 -2.18 28.94 40.27
CA VAL C 292 -1.50 28.64 41.55
C VAL C 292 -1.59 27.14 41.86
N VAL C 293 -2.74 26.54 41.57
CA VAL C 293 -2.92 25.11 41.83
C VAL C 293 -2.06 24.26 40.82
N LEU C 294 -1.75 24.81 39.65
CA LEU C 294 -0.87 24.18 38.62
C LEU C 294 0.60 24.65 38.79
N LYS C 295 1.21 24.15 39.85
CA LYS C 295 2.57 24.49 40.27
C LYS C 295 2.98 23.59 41.46
N VAL D 32 -35.47 -36.71 -50.79
CA VAL D 32 -35.64 -37.95 -51.63
C VAL D 32 -35.14 -39.26 -50.92
N TRP D 33 -35.72 -39.51 -49.73
CA TRP D 33 -35.61 -40.80 -49.06
C TRP D 33 -36.97 -41.28 -48.59
N GLY D 34 -37.59 -42.10 -49.42
CA GLY D 34 -38.92 -42.63 -49.14
C GLY D 34 -39.20 -43.81 -50.05
N HIS D 35 -40.44 -44.31 -50.02
CA HIS D 35 -40.76 -45.65 -50.56
C HIS D 35 -39.92 -46.13 -51.79
N THR D 36 -39.76 -45.28 -52.81
CA THR D 36 -39.17 -45.71 -54.10
C THR D 36 -37.84 -46.38 -53.91
N GLN D 37 -37.05 -45.85 -52.96
CA GLN D 37 -35.76 -46.39 -52.59
C GLN D 37 -35.99 -47.57 -51.66
N LEU D 38 -36.79 -47.32 -50.62
CA LEU D 38 -37.13 -48.29 -49.60
C LEU D 38 -37.56 -49.63 -50.12
N ASN D 39 -38.17 -49.66 -51.30
CA ASN D 39 -38.53 -50.91 -51.94
C ASN D 39 -37.32 -51.49 -52.65
N ARG D 40 -36.62 -50.66 -53.43
CA ARG D 40 -35.47 -51.08 -54.27
C ARG D 40 -34.57 -52.05 -53.56
N LEU D 41 -34.10 -53.04 -54.31
CA LEU D 41 -33.63 -54.31 -53.73
C LEU D 41 -32.28 -54.16 -53.08
N SER D 42 -31.36 -53.60 -53.85
CA SER D 42 -30.02 -53.27 -53.41
C SER D 42 -29.47 -52.07 -54.14
N PHE D 43 -28.82 -51.17 -53.44
CA PHE D 43 -28.13 -50.07 -54.10
C PHE D 43 -26.69 -50.40 -54.58
N LEU D 44 -26.24 -51.67 -54.46
CA LEU D 44 -24.93 -52.11 -55.01
C LEU D 44 -24.61 -51.41 -56.29
N GLU D 45 -25.61 -51.39 -57.17
CA GLU D 45 -25.48 -50.84 -58.50
C GLU D 45 -24.91 -49.42 -58.48
N THR D 46 -25.12 -48.66 -57.40
CA THR D 46 -24.78 -47.21 -57.33
C THR D 46 -23.57 -46.74 -56.43
N VAL D 47 -22.71 -47.67 -55.95
CA VAL D 47 -21.48 -47.29 -55.19
C VAL D 47 -20.36 -46.65 -56.01
N PRO D 48 -20.28 -46.93 -57.33
CA PRO D 48 -19.26 -46.22 -58.13
C PRO D 48 -19.53 -44.71 -58.42
N VAL D 49 -20.66 -44.17 -57.96
CA VAL D 49 -21.05 -42.79 -58.25
C VAL D 49 -21.39 -41.92 -57.05
N VAL D 50 -21.18 -42.42 -55.83
CA VAL D 50 -21.28 -41.53 -54.65
C VAL D 50 -19.85 -41.12 -54.31
N PRO D 51 -19.61 -39.83 -54.03
CA PRO D 51 -18.24 -39.39 -53.73
C PRO D 51 -17.78 -39.82 -52.33
N LEU D 52 -16.45 -39.89 -52.13
CA LEU D 52 -15.90 -39.97 -50.77
C LEU D 52 -15.97 -38.56 -50.17
N ARG D 53 -16.72 -38.45 -49.07
CA ARG D 53 -16.81 -37.20 -48.36
C ARG D 53 -16.41 -37.42 -46.92
N VAL D 54 -15.89 -36.34 -46.38
CA VAL D 54 -15.22 -36.37 -45.11
C VAL D 54 -16.24 -36.13 -43.98
N SER D 55 -17.27 -35.35 -44.26
CA SER D 55 -18.43 -35.25 -43.38
C SER D 55 -19.10 -36.61 -43.10
N ASP D 56 -19.15 -37.49 -44.11
CA ASP D 56 -19.74 -38.85 -43.96
C ASP D 56 -18.99 -39.73 -42.96
N GLU D 57 -17.72 -39.39 -42.74
CA GLU D 57 -16.82 -40.19 -41.91
C GLU D 57 -17.24 -40.33 -40.45
N SER D 58 -17.82 -39.26 -39.90
CA SER D 58 -18.49 -39.28 -38.62
C SER D 58 -20.00 -39.26 -38.80
N SER D 59 -20.67 -39.38 -37.64
CA SER D 59 -22.09 -39.07 -37.46
C SER D 59 -22.26 -37.61 -37.70
N GLU D 60 -23.45 -37.10 -37.42
CA GLU D 60 -23.68 -35.69 -37.49
C GLU D 60 -23.64 -35.07 -36.10
N ASP D 61 -23.57 -35.88 -35.03
CA ASP D 61 -23.51 -35.29 -33.68
C ASP D 61 -22.12 -34.74 -33.35
N ARG D 62 -21.74 -33.62 -33.93
CA ARG D 62 -20.36 -33.18 -33.90
C ARG D 62 -20.13 -32.23 -32.74
N PRO D 63 -18.85 -31.91 -32.44
CA PRO D 63 -18.54 -30.92 -31.38
C PRO D 63 -18.33 -29.53 -31.97
N THR D 64 -18.92 -28.54 -31.28
CA THR D 64 -18.87 -27.12 -31.68
C THR D 64 -18.45 -26.23 -30.52
N TRP D 65 -17.17 -25.90 -30.51
CA TRP D 65 -16.55 -25.13 -29.46
C TRP D 65 -16.28 -23.74 -29.98
N SER D 66 -16.24 -22.73 -29.12
CA SER D 66 -15.62 -21.44 -29.47
C SER D 66 -14.19 -21.48 -28.97
N LEU D 67 -13.23 -21.33 -29.90
CA LEU D 67 -11.80 -21.36 -29.59
C LEU D 67 -11.45 -20.45 -28.41
N PRO D 68 -11.89 -19.16 -28.44
CA PRO D 68 -11.89 -18.25 -27.29
C PRO D 68 -12.32 -18.83 -25.95
N ASP D 69 -13.47 -19.50 -25.95
CA ASP D 69 -13.96 -20.10 -24.73
C ASP D 69 -13.11 -21.29 -24.28
N ILE D 70 -12.82 -22.25 -25.17
CA ILE D 70 -12.12 -23.49 -24.73
C ILE D 70 -10.61 -23.34 -24.44
N GLU D 71 -10.05 -22.14 -24.63
CA GLU D 71 -8.74 -21.85 -24.10
C GLU D 71 -8.69 -21.92 -22.58
N ASN D 72 -9.80 -21.50 -21.97
CA ASN D 72 -9.97 -21.58 -20.56
C ASN D 72 -10.05 -23.00 -20.06
N VAL D 73 -10.31 -23.98 -20.95
CA VAL D 73 -10.43 -25.39 -20.54
C VAL D 73 -9.19 -25.69 -19.69
N ALA D 74 -9.43 -25.78 -18.40
CA ALA D 74 -8.41 -25.86 -17.39
C ALA D 74 -8.29 -27.31 -16.85
N ILE D 75 -7.04 -27.74 -16.63
CA ILE D 75 -6.76 -28.99 -15.94
C ILE D 75 -7.35 -29.04 -14.52
N THR D 76 -8.26 -29.99 -14.28
CA THR D 76 -8.83 -30.29 -12.94
C THR D 76 -8.56 -31.75 -12.54
N HIS D 77 -8.61 -31.98 -11.23
CA HIS D 77 -8.49 -33.31 -10.67
C HIS D 77 -9.54 -33.47 -9.59
N LYS D 78 -10.23 -34.61 -9.68
CA LYS D 78 -11.32 -34.99 -8.81
C LYS D 78 -10.81 -35.92 -7.69
N LYS D 79 -10.97 -35.47 -6.45
CA LYS D 79 -10.58 -36.24 -5.25
C LYS D 79 -11.35 -37.57 -5.25
N PRO D 80 -10.63 -38.72 -5.23
CA PRO D 80 -11.27 -40.03 -5.00
C PRO D 80 -12.02 -40.08 -3.67
N ASN D 81 -12.83 -41.10 -3.43
CA ASN D 81 -13.56 -41.15 -2.16
C ASN D 81 -13.88 -42.52 -1.56
N GLY D 82 -12.99 -43.49 -1.80
CA GLY D 82 -13.17 -44.88 -1.33
C GLY D 82 -12.39 -45.79 -2.26
N LEU D 83 -12.33 -47.08 -1.93
CA LEU D 83 -11.41 -48.01 -2.62
C LEU D 83 -11.45 -47.91 -4.14
N VAL D 84 -12.64 -47.93 -4.71
CA VAL D 84 -12.82 -47.97 -6.17
C VAL D 84 -12.16 -46.77 -6.83
N ASP D 85 -12.57 -45.58 -6.40
CA ASP D 85 -12.01 -44.34 -6.95
C ASP D 85 -10.48 -44.38 -6.91
N THR D 86 -9.96 -44.76 -5.74
CA THR D 86 -8.51 -44.92 -5.49
C THR D 86 -7.89 -46.00 -6.37
N LEU D 87 -8.55 -47.16 -6.43
CA LEU D 87 -8.12 -48.29 -7.28
C LEU D 87 -8.07 -47.90 -8.77
N ALA D 88 -9.05 -47.10 -9.19
CA ALA D 88 -9.10 -46.59 -10.55
C ALA D 88 -7.92 -45.67 -10.79
N TYR D 89 -7.83 -44.62 -9.98
CA TYR D 89 -6.75 -43.63 -10.03
C TYR D 89 -5.37 -44.31 -10.15
N ARG D 90 -5.07 -45.16 -9.18
CA ARG D 90 -3.79 -45.91 -9.13
C ARG D 90 -3.56 -46.62 -10.46
N SER D 91 -4.60 -47.34 -10.90
CA SER D 91 -4.59 -48.07 -12.16
C SER D 91 -4.17 -47.14 -13.30
N VAL D 92 -4.80 -45.96 -13.40
CA VAL D 92 -4.49 -44.98 -14.45
C VAL D 92 -3.05 -44.51 -14.35
N ARG D 93 -2.60 -44.25 -13.10
CA ARG D 93 -1.20 -43.84 -12.82
C ARG D 93 -0.20 -44.90 -13.25
N THR D 94 -0.52 -46.16 -12.96
CA THR D 94 0.25 -47.30 -13.46
C THR D 94 0.29 -47.30 -15.00
N CYS D 95 -0.85 -47.03 -15.63
CA CYS D 95 -0.95 -46.99 -17.08
C CYS D 95 -0.17 -45.82 -17.70
N ARG D 96 -0.10 -44.68 -17.01
CA ARG D 96 0.74 -43.57 -17.47
C ARG D 96 2.22 -43.95 -17.27
N TRP D 97 2.52 -44.63 -16.17
CA TRP D 97 3.89 -45.09 -15.89
C TRP D 97 4.33 -46.13 -16.96
N LEU D 98 3.54 -47.19 -17.11
CA LEU D 98 3.76 -48.23 -18.14
C LEU D 98 4.16 -47.60 -19.46
N PHE D 99 3.35 -46.65 -19.90
CA PHE D 99 3.43 -46.11 -21.25
C PHE D 99 4.60 -45.14 -21.43
N ASP D 100 4.87 -44.33 -20.42
CA ASP D 100 5.99 -43.36 -20.45
C ASP D 100 7.39 -44.00 -20.49
N THR D 101 7.53 -45.27 -20.05
CA THR D 101 8.80 -46.01 -20.16
C THR D 101 8.88 -46.89 -21.41
N PHE D 102 7.79 -47.62 -21.72
CA PHE D 102 7.75 -48.50 -22.92
C PHE D 102 7.60 -47.76 -24.26
N SER D 103 7.27 -46.47 -24.21
CA SER D 103 7.41 -45.58 -25.37
C SER D 103 8.77 -44.85 -25.39
N LEU D 104 9.28 -44.48 -24.21
CA LEU D 104 10.51 -43.66 -24.02
C LEU D 104 10.22 -42.18 -24.39
N TYR D 105 9.51 -41.49 -23.49
CA TYR D 105 8.87 -40.18 -23.74
C TYR D 105 9.64 -38.92 -23.27
N ARG D 106 10.59 -39.07 -22.32
CA ARG D 106 11.14 -37.90 -21.55
C ARG D 106 12.36 -37.17 -22.17
N PHE D 107 13.59 -37.66 -21.98
CA PHE D 107 14.82 -36.87 -22.30
C PHE D 107 15.18 -36.84 -23.80
N GLY D 108 15.61 -35.65 -24.25
CA GLY D 108 15.91 -35.37 -25.67
C GLY D 108 15.30 -34.04 -26.09
N SER D 109 14.19 -34.10 -26.83
CA SER D 109 13.33 -32.94 -27.17
C SER D 109 11.88 -33.42 -27.36
N ILE D 110 10.90 -32.52 -27.23
CA ILE D 110 9.47 -32.87 -27.48
C ILE D 110 9.24 -32.91 -29.00
N THR D 111 9.86 -33.92 -29.63
CA THR D 111 9.87 -34.05 -31.08
C THR D 111 8.47 -34.46 -31.51
N GLU D 112 8.02 -33.94 -32.65
CA GLU D 112 6.65 -34.20 -33.12
C GLU D 112 6.40 -35.71 -33.32
N SER D 113 7.45 -36.47 -33.67
CA SER D 113 7.41 -37.95 -33.70
C SER D 113 6.81 -38.54 -32.42
N LYS D 114 7.59 -38.56 -31.33
CA LYS D 114 7.14 -39.15 -30.06
C LYS D 114 5.71 -38.71 -29.63
N VAL D 115 5.35 -37.45 -29.88
CA VAL D 115 4.11 -36.85 -29.36
C VAL D 115 2.89 -37.29 -30.15
N ILE D 116 2.95 -37.17 -31.47
CA ILE D 116 1.85 -37.61 -32.36
C ILE D 116 1.70 -39.14 -32.19
N SER D 117 2.73 -39.85 -32.64
CA SER D 117 2.91 -41.27 -32.41
C SER D 117 2.39 -41.68 -31.02
N ARG D 118 2.73 -40.92 -29.97
CA ARG D 118 2.15 -41.14 -28.61
C ARG D 118 0.60 -41.23 -28.59
N CYS D 119 -0.06 -40.18 -29.09
CA CYS D 119 -1.51 -40.05 -28.97
C CYS D 119 -2.21 -40.98 -29.94
N LEU D 120 -1.66 -41.06 -31.15
CA LEU D 120 -2.07 -42.02 -32.18
C LEU D 120 -2.32 -43.40 -31.57
N PHE D 121 -1.34 -43.90 -30.85
CA PHE D 121 -1.50 -45.12 -30.06
C PHE D 121 -2.65 -44.95 -29.02
N LEU D 122 -2.63 -43.83 -28.33
CA LEU D 122 -3.59 -43.58 -27.24
C LEU D 122 -5.07 -43.46 -27.57
N GLU D 123 -5.39 -43.06 -28.81
CA GLU D 123 -6.79 -43.03 -29.27
C GLU D 123 -7.30 -44.45 -29.60
N THR D 124 -6.45 -45.26 -30.26
CA THR D 124 -6.81 -46.67 -30.61
C THR D 124 -7.39 -47.44 -29.44
N VAL D 125 -7.04 -46.99 -28.24
CA VAL D 125 -7.58 -47.53 -27.00
C VAL D 125 -8.74 -46.68 -26.48
N ALA D 126 -8.54 -45.35 -26.42
CA ALA D 126 -9.55 -44.42 -25.88
C ALA D 126 -10.93 -44.65 -26.50
N GLY D 127 -10.93 -44.97 -27.80
CA GLY D 127 -12.17 -45.28 -28.51
C GLY D 127 -12.66 -46.70 -28.28
N VAL D 128 -12.58 -47.18 -27.05
CA VAL D 128 -13.09 -48.51 -26.66
C VAL D 128 -14.10 -48.42 -25.51
N PRO D 129 -13.73 -47.84 -24.34
CA PRO D 129 -14.72 -47.84 -23.23
C PRO D 129 -16.06 -47.14 -23.48
N GLY D 130 -16.08 -46.14 -24.35
CA GLY D 130 -17.33 -45.56 -24.82
C GLY D 130 -18.15 -46.58 -25.60
N MET D 131 -17.47 -47.33 -26.45
CA MET D 131 -18.14 -48.31 -27.31
C MET D 131 -18.72 -49.49 -26.51
N VAL D 132 -17.98 -50.07 -25.56
CA VAL D 132 -18.59 -51.11 -24.70
C VAL D 132 -19.58 -50.50 -23.71
N GLY D 133 -19.39 -49.22 -23.38
CA GLY D 133 -20.27 -48.56 -22.44
C GLY D 133 -21.70 -48.41 -22.94
N GLY D 134 -21.84 -48.29 -24.26
CA GLY D 134 -23.15 -48.25 -24.89
C GLY D 134 -23.59 -49.65 -25.27
N MET D 135 -22.71 -50.34 -25.96
CA MET D 135 -22.99 -51.72 -26.39
C MET D 135 -23.50 -52.63 -25.27
N LEU D 136 -23.27 -52.26 -24.00
CA LEU D 136 -23.81 -52.99 -22.85
C LEU D 136 -24.98 -52.29 -22.14
N ARG D 137 -25.08 -50.97 -22.24
CA ARG D 137 -26.31 -50.25 -21.78
C ARG D 137 -27.50 -50.43 -22.76
N HIS D 138 -27.14 -50.61 -24.03
CA HIS D 138 -28.06 -50.94 -25.11
C HIS D 138 -28.66 -52.32 -24.89
N LEU D 139 -27.81 -53.32 -24.70
CA LEU D 139 -28.27 -54.68 -24.47
C LEU D 139 -29.16 -54.79 -23.23
N SER D 140 -28.84 -54.07 -22.16
CA SER D 140 -29.74 -54.03 -21.00
C SER D 140 -31.05 -53.29 -21.30
N SER D 141 -31.00 -52.25 -22.13
CA SER D 141 -32.23 -51.59 -22.51
C SER D 141 -33.10 -52.61 -23.18
N LEU D 142 -32.51 -53.38 -24.11
CA LEU D 142 -33.24 -54.47 -24.76
C LEU D 142 -33.73 -55.50 -23.74
N ARG D 143 -32.82 -56.30 -23.18
CA ARG D 143 -33.20 -57.54 -22.52
C ARG D 143 -34.01 -57.35 -21.25
N TYR D 144 -33.76 -56.29 -20.49
CA TYR D 144 -34.70 -55.94 -19.40
C TYR D 144 -35.84 -54.98 -19.87
N MET D 145 -35.80 -54.53 -21.13
CA MET D 145 -36.90 -53.78 -21.77
C MET D 145 -37.17 -52.51 -21.00
N THR D 146 -36.09 -51.79 -20.72
CA THR D 146 -36.08 -50.61 -19.85
C THR D 146 -35.73 -49.38 -20.65
N ARG D 147 -36.36 -48.27 -20.30
CA ARG D 147 -35.86 -46.95 -20.73
C ARG D 147 -34.37 -46.85 -20.33
N ASP D 148 -33.51 -46.45 -21.27
CA ASP D 148 -32.10 -46.19 -20.96
C ASP D 148 -31.81 -44.71 -20.65
N LYS D 149 -32.71 -43.84 -21.10
CA LYS D 149 -32.71 -42.42 -20.78
C LYS D 149 -31.48 -41.71 -21.29
N GLY D 150 -31.04 -42.03 -22.51
CA GLY D 150 -29.99 -41.26 -23.21
C GLY D 150 -28.52 -41.37 -22.78
N TRP D 151 -28.18 -42.39 -22.00
CA TRP D 151 -26.77 -42.73 -21.78
C TRP D 151 -26.15 -43.27 -23.09
N ILE D 152 -26.81 -44.24 -23.71
CA ILE D 152 -26.19 -44.99 -24.77
C ILE D 152 -25.56 -44.09 -25.84
N ASN D 153 -26.29 -43.09 -26.33
CA ASN D 153 -25.73 -42.24 -27.40
C ASN D 153 -24.61 -41.31 -26.92
N THR D 154 -24.68 -40.85 -25.67
CA THR D 154 -23.59 -40.07 -25.06
C THR D 154 -22.29 -40.83 -25.20
N LEU D 155 -22.35 -42.09 -24.78
CA LEU D 155 -21.22 -43.02 -24.81
C LEU D 155 -20.80 -43.39 -26.20
N LEU D 156 -21.77 -43.65 -27.08
CA LEU D 156 -21.44 -44.04 -28.44
C LEU D 156 -20.71 -42.94 -29.20
N VAL D 157 -21.11 -41.68 -28.99
CA VAL D 157 -20.42 -40.56 -29.64
C VAL D 157 -19.12 -40.23 -28.90
N GLU D 158 -19.13 -40.19 -27.56
CA GLU D 158 -17.88 -40.16 -26.77
C GLU D 158 -16.82 -41.05 -27.46
N ALA D 159 -17.19 -42.31 -27.72
CA ALA D 159 -16.36 -43.22 -28.49
C ALA D 159 -16.13 -42.77 -29.92
N GLU D 160 -17.17 -42.28 -30.56
CA GLU D 160 -17.01 -41.87 -31.94
C GLU D 160 -15.96 -40.79 -32.04
N ASN D 161 -15.93 -39.91 -31.02
CA ASN D 161 -15.03 -38.76 -30.93
C ASN D 161 -13.58 -39.15 -30.93
N GLU D 162 -13.26 -40.04 -29.97
CA GLU D 162 -11.88 -40.54 -29.85
C GLU D 162 -11.44 -41.11 -31.20
N ARG D 163 -12.27 -41.95 -31.81
CA ARG D 163 -11.97 -42.46 -33.15
C ARG D 163 -11.66 -41.32 -34.10
N MET D 164 -12.48 -40.28 -34.08
CA MET D 164 -12.30 -39.12 -34.96
C MET D 164 -11.05 -38.31 -34.64
N HIS D 165 -10.56 -38.36 -33.39
CA HIS D 165 -9.19 -37.89 -33.09
C HIS D 165 -8.20 -38.76 -33.90
N LEU D 166 -8.24 -40.07 -33.65
CA LEU D 166 -7.35 -41.03 -34.31
C LEU D 166 -7.40 -40.89 -35.83
N MET D 167 -8.56 -40.56 -36.34
CA MET D 167 -8.69 -40.39 -37.76
C MET D 167 -7.83 -39.24 -38.24
N THR D 168 -7.84 -38.17 -37.45
CA THR D 168 -7.06 -36.96 -37.69
C THR D 168 -5.54 -37.18 -37.54
N PHE D 169 -5.14 -37.94 -36.50
CA PHE D 169 -3.72 -38.12 -36.17
C PHE D 169 -2.98 -38.94 -37.23
N ILE D 170 -3.62 -40.02 -37.68
CA ILE D 170 -3.04 -40.95 -38.66
C ILE D 170 -2.81 -40.25 -40.03
N GLU D 171 -3.47 -39.13 -40.26
CA GLU D 171 -3.25 -38.32 -41.46
C GLU D 171 -2.00 -37.45 -41.31
N LEU D 172 -1.56 -37.23 -40.08
CA LEU D 172 -0.29 -36.54 -39.87
C LEU D 172 0.84 -37.56 -40.04
N ARG D 173 1.00 -38.48 -39.09
CA ARG D 173 2.12 -39.43 -39.08
C ARG D 173 1.69 -40.86 -39.43
N GLN D 174 2.47 -41.56 -40.26
CA GLN D 174 2.18 -42.93 -40.73
C GLN D 174 3.08 -43.99 -40.07
N PRO D 175 2.68 -44.55 -38.90
CA PRO D 175 3.60 -45.39 -38.08
C PRO D 175 3.94 -46.75 -38.70
N GLY D 176 5.17 -47.18 -38.53
CA GLY D 176 5.60 -48.47 -39.06
C GLY D 176 5.24 -49.61 -38.12
N LEU D 177 5.67 -50.80 -38.52
CA LEU D 177 5.25 -52.07 -37.88
C LEU D 177 5.47 -52.24 -36.36
N PRO D 178 6.56 -51.68 -35.78
CA PRO D 178 6.66 -51.76 -34.31
C PRO D 178 5.40 -51.25 -33.55
N LEU D 179 4.81 -50.15 -34.05
CA LEU D 179 3.63 -49.51 -33.44
C LEU D 179 2.32 -50.12 -33.96
N ARG D 180 2.17 -50.17 -35.29
CA ARG D 180 1.02 -50.82 -35.95
C ARG D 180 0.68 -52.17 -35.32
N VAL D 181 1.70 -52.95 -34.98
CA VAL D 181 1.49 -54.25 -34.35
C VAL D 181 1.10 -54.09 -32.88
N SER D 182 1.87 -53.38 -32.07
CA SER D 182 1.55 -53.36 -30.62
C SER D 182 0.15 -52.79 -30.35
N ILE D 183 -0.38 -51.96 -31.26
CA ILE D 183 -1.75 -51.42 -31.18
C ILE D 183 -2.85 -52.49 -31.17
N ILE D 184 -2.69 -53.49 -32.05
CA ILE D 184 -3.68 -54.57 -32.24
C ILE D 184 -3.71 -55.52 -31.04
N ILE D 185 -2.52 -55.95 -30.61
CA ILE D 185 -2.39 -56.85 -29.46
C ILE D 185 -2.96 -56.15 -28.19
N THR D 186 -2.88 -54.81 -28.16
CA THR D 186 -3.36 -53.97 -27.05
C THR D 186 -4.88 -53.93 -27.00
N GLN D 187 -5.50 -53.66 -28.15
CA GLN D 187 -6.96 -53.63 -28.28
C GLN D 187 -7.58 -54.91 -27.75
N ALA D 188 -6.98 -56.03 -28.15
CA ALA D 188 -7.36 -57.36 -27.69
C ALA D 188 -7.46 -57.44 -26.17
N ILE D 189 -6.36 -57.10 -25.49
CA ILE D 189 -6.25 -57.18 -24.03
C ILE D 189 -7.12 -56.11 -23.33
N MET D 190 -7.28 -54.95 -23.97
CA MET D 190 -8.04 -53.85 -23.39
C MET D 190 -9.54 -54.08 -23.48
N TYR D 191 -10.01 -54.37 -24.68
CA TYR D 191 -11.42 -54.69 -24.89
C TYR D 191 -11.84 -55.78 -23.91
N LEU D 192 -11.06 -56.86 -23.90
CA LEU D 192 -11.28 -58.00 -22.99
C LEU D 192 -11.35 -57.56 -21.52
N PHE D 193 -10.41 -56.67 -21.13
CA PHE D 193 -10.38 -56.07 -19.78
C PHE D 193 -11.62 -55.22 -19.52
N LEU D 194 -11.93 -54.36 -20.48
CA LEU D 194 -13.04 -53.42 -20.34
C LEU D 194 -14.39 -54.12 -20.33
N LEU D 195 -14.51 -55.17 -21.14
CA LEU D 195 -15.74 -55.90 -21.17
C LEU D 195 -15.99 -56.41 -19.76
N VAL D 196 -15.10 -57.27 -19.25
CA VAL D 196 -15.29 -57.81 -17.90
C VAL D 196 -15.45 -56.67 -16.90
N ALA D 197 -14.54 -55.70 -16.98
CA ALA D 197 -14.50 -54.58 -16.03
C ALA D 197 -15.87 -53.92 -15.94
N TYR D 198 -16.46 -53.55 -17.10
CA TYR D 198 -17.75 -52.82 -17.14
C TYR D 198 -18.86 -53.66 -16.49
N VAL D 199 -18.87 -54.94 -16.82
CA VAL D 199 -19.89 -55.88 -16.32
C VAL D 199 -19.73 -55.98 -14.81
N ILE D 200 -18.48 -56.20 -14.36
CA ILE D 200 -18.15 -56.33 -12.92
C ILE D 200 -18.44 -55.01 -12.20
N SER D 201 -17.76 -53.95 -12.61
CA SER D 201 -18.01 -52.62 -12.06
C SER D 201 -18.03 -51.61 -13.19
N PRO D 202 -19.21 -51.05 -13.50
CA PRO D 202 -19.16 -49.96 -14.47
C PRO D 202 -18.60 -48.66 -13.84
N ARG D 203 -18.88 -48.43 -12.55
CA ARG D 203 -18.37 -47.25 -11.79
C ARG D 203 -16.87 -47.05 -11.90
N PHE D 204 -16.15 -48.15 -11.76
CA PHE D 204 -14.70 -48.18 -11.86
C PHE D 204 -14.22 -47.84 -13.28
N VAL D 205 -15.01 -48.09 -14.32
CA VAL D 205 -14.57 -47.73 -15.68
C VAL D 205 -14.81 -46.26 -15.96
N HIS D 206 -15.94 -45.75 -15.52
CA HIS D 206 -16.23 -44.33 -15.69
C HIS D 206 -15.20 -43.47 -14.95
N ARG D 207 -14.81 -43.85 -13.73
CA ARG D 207 -13.71 -43.22 -12.97
C ARG D 207 -12.34 -43.43 -13.57
N PHE D 208 -12.05 -44.68 -13.90
CA PHE D 208 -10.84 -44.97 -14.62
C PHE D 208 -10.75 -44.04 -15.83
N VAL D 209 -11.83 -43.89 -16.59
CA VAL D 209 -11.81 -42.97 -17.75
C VAL D 209 -11.83 -41.50 -17.30
N GLY D 210 -12.54 -41.21 -16.21
CA GLY D 210 -12.44 -39.91 -15.54
C GLY D 210 -11.01 -39.44 -15.44
N TYR D 211 -10.19 -40.23 -14.74
CA TYR D 211 -8.76 -39.94 -14.54
C TYR D 211 -7.99 -40.04 -15.85
N LEU D 212 -8.23 -41.07 -16.65
CA LEU D 212 -7.60 -41.15 -17.98
C LEU D 212 -7.78 -39.89 -18.87
N GLU D 213 -8.83 -39.09 -18.62
CA GLU D 213 -9.09 -37.85 -19.37
C GLU D 213 -8.44 -36.61 -18.75
N GLU D 214 -8.36 -36.57 -17.43
CA GLU D 214 -7.56 -35.54 -16.75
C GLU D 214 -6.16 -35.59 -17.36
N GLU D 215 -5.58 -36.80 -17.44
CA GLU D 215 -4.28 -37.03 -18.13
C GLU D 215 -4.29 -36.52 -19.59
N ALA D 216 -5.38 -36.80 -20.31
CA ALA D 216 -5.57 -36.30 -21.69
C ALA D 216 -5.49 -34.77 -21.78
N VAL D 217 -6.28 -34.07 -20.95
CA VAL D 217 -6.25 -32.60 -20.89
C VAL D 217 -4.79 -32.16 -20.75
N ILE D 218 -4.15 -32.66 -19.67
CA ILE D 218 -2.71 -32.44 -19.34
C ILE D 218 -1.82 -32.67 -20.52
N THR D 219 -1.83 -33.85 -21.07
CA THR D 219 -1.08 -34.08 -22.28
C THR D 219 -1.37 -33.01 -23.33
N TYR D 220 -2.64 -32.84 -23.70
CA TYR D 220 -2.99 -31.92 -24.79
C TYR D 220 -2.77 -30.46 -24.43
N THR D 221 -2.81 -30.09 -23.14
CA THR D 221 -2.48 -28.70 -22.73
C THR D 221 -0.94 -28.53 -22.81
N GLY D 222 -0.20 -29.56 -22.43
CA GLY D 222 1.24 -29.59 -22.60
C GLY D 222 1.69 -29.32 -24.04
N VAL D 223 0.96 -29.84 -25.02
CA VAL D 223 1.31 -29.61 -26.42
C VAL D 223 1.11 -28.15 -26.81
N MET D 224 0.09 -27.50 -26.26
CA MET D 224 -0.23 -26.12 -26.62
C MET D 224 0.74 -25.19 -25.88
N ARG D 225 1.06 -25.59 -24.64
CA ARG D 225 2.18 -25.07 -23.85
C ARG D 225 3.38 -25.12 -24.78
N ALA D 226 3.82 -26.34 -25.09
CA ALA D 226 5.00 -26.58 -25.90
C ALA D 226 4.99 -25.84 -27.22
N ILE D 227 3.82 -25.60 -27.81
CA ILE D 227 3.72 -24.77 -29.01
C ILE D 227 3.98 -23.32 -28.65
N ASP D 228 3.24 -22.76 -27.68
CA ASP D 228 3.34 -21.33 -27.29
C ASP D 228 4.77 -20.82 -27.04
N GLU D 229 5.64 -21.71 -26.53
CA GLU D 229 7.12 -21.50 -26.47
C GLU D 229 7.80 -21.40 -27.84
N GLY D 230 7.33 -22.18 -28.80
CA GLY D 230 8.01 -22.37 -30.06
C GLY D 230 8.99 -23.54 -30.02
N ARG D 231 8.83 -24.46 -29.06
CA ARG D 231 9.68 -25.67 -28.94
C ARG D 231 9.11 -26.84 -29.68
N LEU D 232 7.78 -26.93 -29.74
CA LEU D 232 7.10 -27.73 -30.76
C LEU D 232 6.54 -26.73 -31.75
N ARG D 233 6.90 -26.90 -33.02
CA ARG D 233 6.76 -25.84 -34.03
C ARG D 233 6.08 -26.40 -35.27
N PRO D 234 4.74 -26.47 -35.26
CA PRO D 234 4.04 -27.20 -36.34
C PRO D 234 4.42 -26.78 -37.80
N THR D 235 5.22 -27.62 -38.45
CA THR D 235 5.33 -27.64 -39.92
C THR D 235 4.15 -28.45 -40.50
N LYS D 236 3.44 -29.13 -39.62
CA LYS D 236 2.08 -29.61 -39.90
C LYS D 236 1.03 -28.63 -39.35
N ASN D 237 1.20 -27.33 -39.65
CA ASN D 237 0.16 -26.31 -39.46
C ASN D 237 -0.93 -26.42 -40.49
N ASP D 238 -0.73 -27.36 -41.41
CA ASP D 238 -1.81 -28.08 -42.07
C ASP D 238 -2.63 -28.95 -41.09
N VAL D 239 -3.88 -28.51 -40.92
CA VAL D 239 -4.87 -29.18 -40.14
C VAL D 239 -5.57 -30.15 -41.09
N PRO D 240 -5.60 -31.45 -40.74
CA PRO D 240 -6.27 -32.41 -41.59
C PRO D 240 -7.74 -32.08 -41.85
N GLU D 241 -8.18 -32.33 -43.07
CA GLU D 241 -9.48 -31.86 -43.52
C GLU D 241 -10.63 -32.57 -42.80
N VAL D 242 -10.49 -33.89 -42.59
CA VAL D 242 -11.35 -34.66 -41.63
C VAL D 242 -11.78 -33.87 -40.41
N ALA D 243 -10.77 -33.25 -39.80
CA ALA D 243 -10.91 -32.56 -38.55
C ALA D 243 -11.33 -31.10 -38.80
N ARG D 244 -10.83 -30.54 -39.91
CA ARG D 244 -11.27 -29.20 -40.32
C ARG D 244 -12.80 -29.15 -40.49
N VAL D 245 -13.42 -30.29 -40.84
CA VAL D 245 -14.88 -30.37 -41.02
C VAL D 245 -15.60 -31.01 -39.84
N TYR D 246 -14.93 -31.90 -39.10
CA TYR D 246 -15.56 -32.53 -37.92
C TYR D 246 -15.74 -31.45 -36.85
N TRP D 247 -14.76 -30.57 -36.73
CA TRP D 247 -14.81 -29.54 -35.71
C TRP D 247 -15.28 -28.22 -36.25
N ASN D 248 -15.39 -28.10 -37.57
CA ASN D 248 -15.95 -26.89 -38.17
C ASN D 248 -14.98 -25.69 -38.07
N LEU D 249 -13.70 -25.99 -37.86
CA LEU D 249 -12.59 -25.03 -37.89
C LEU D 249 -12.52 -24.36 -39.24
N SER D 250 -12.46 -23.04 -39.26
CA SER D 250 -12.22 -22.34 -40.52
C SER D 250 -10.84 -22.72 -41.08
N LYS D 251 -10.58 -22.32 -42.32
CA LYS D 251 -9.35 -22.69 -43.05
C LYS D 251 -8.10 -22.08 -42.43
N ASN D 252 -8.27 -21.00 -41.65
CA ASN D 252 -7.19 -20.26 -40.99
C ASN D 252 -6.91 -20.78 -39.59
N ALA D 253 -6.87 -22.09 -39.44
CA ALA D 253 -6.79 -22.67 -38.12
C ALA D 253 -5.44 -23.30 -38.03
N THR D 254 -4.81 -23.16 -36.87
CA THR D 254 -3.48 -23.71 -36.63
C THR D 254 -3.57 -25.04 -35.95
N PHE D 255 -2.63 -25.91 -36.25
CA PHE D 255 -2.49 -27.17 -35.52
C PHE D 255 -2.64 -26.99 -33.99
N ARG D 256 -2.44 -25.78 -33.49
CA ARG D 256 -2.79 -25.47 -32.10
C ARG D 256 -4.31 -25.38 -31.89
N ASP D 257 -5.00 -24.62 -32.74
CA ASP D 257 -6.47 -24.58 -32.75
C ASP D 257 -7.03 -26.04 -32.71
N LEU D 258 -6.49 -26.92 -33.56
CA LEU D 258 -6.83 -28.36 -33.62
C LEU D 258 -6.71 -29.05 -32.26
N ILE D 259 -5.54 -28.93 -31.63
CA ILE D 259 -5.30 -29.50 -30.30
C ILE D 259 -6.22 -28.84 -29.22
N ASN D 260 -6.51 -27.54 -29.37
CA ASN D 260 -7.36 -26.82 -28.43
C ASN D 260 -8.72 -27.49 -28.30
N VAL D 261 -9.37 -27.72 -29.45
CA VAL D 261 -10.68 -28.38 -29.49
C VAL D 261 -10.53 -29.79 -28.94
N ILE D 262 -9.62 -30.59 -29.51
CA ILE D 262 -9.40 -31.98 -29.03
C ILE D 262 -9.31 -32.04 -27.49
N ARG D 263 -8.65 -31.04 -26.91
CA ARG D 263 -8.58 -30.92 -25.47
C ARG D 263 -9.99 -30.74 -24.89
N ALA D 264 -10.73 -29.80 -25.46
CA ALA D 264 -12.10 -29.53 -25.04
C ALA D 264 -12.98 -30.79 -25.07
N ASP D 265 -12.86 -31.57 -26.15
CA ASP D 265 -13.53 -32.88 -26.23
C ASP D 265 -13.21 -33.76 -25.04
N GLU D 266 -11.92 -33.87 -24.73
CA GLU D 266 -11.40 -34.75 -23.67
C GLU D 266 -11.82 -34.22 -22.31
N ALA D 267 -11.98 -32.90 -22.25
CA ALA D 267 -12.55 -32.21 -21.10
C ALA D 267 -14.01 -32.53 -20.93
N GLU D 268 -14.80 -32.46 -22.00
CA GLU D 268 -16.19 -32.96 -21.97
C GLU D 268 -16.24 -34.42 -21.44
N HIS D 269 -15.34 -35.28 -21.93
CA HIS D 269 -15.36 -36.67 -21.49
C HIS D 269 -14.94 -36.78 -20.05
N ARG D 270 -13.87 -36.11 -19.64
CA ARG D 270 -13.48 -36.10 -18.21
C ARG D 270 -14.73 -35.97 -17.34
N VAL D 271 -15.48 -34.90 -17.54
CA VAL D 271 -16.55 -34.53 -16.60
C VAL D 271 -17.79 -35.39 -16.74
N VAL D 272 -17.94 -36.01 -17.91
CA VAL D 272 -19.04 -36.93 -18.19
C VAL D 272 -18.86 -38.24 -17.40
N ASN D 273 -17.71 -38.89 -17.57
CA ASN D 273 -17.44 -40.14 -16.86
C ASN D 273 -17.19 -39.99 -15.35
N HIS D 274 -16.66 -38.85 -14.92
CA HIS D 274 -16.65 -38.57 -13.49
C HIS D 274 -18.07 -38.45 -13.06
N THR D 275 -18.90 -37.87 -13.93
CA THR D 275 -20.31 -37.70 -13.64
C THR D 275 -21.03 -39.04 -13.66
N PHE D 276 -20.69 -39.96 -14.56
CA PHE D 276 -21.35 -41.27 -14.55
C PHE D 276 -20.94 -42.12 -13.33
N ALA D 277 -19.65 -42.26 -13.05
CA ALA D 277 -19.23 -42.99 -11.85
C ALA D 277 -19.92 -42.43 -10.60
N ASP D 278 -20.06 -41.12 -10.51
CA ASP D 278 -20.72 -40.49 -9.34
C ASP D 278 -22.18 -40.97 -9.13
N MET D 279 -22.86 -41.31 -10.23
CA MET D 279 -24.25 -41.77 -10.20
C MET D 279 -24.29 -43.25 -9.92
N HIS D 280 -23.48 -44.01 -10.64
CA HIS D 280 -23.25 -45.42 -10.29
C HIS D 280 -22.95 -45.51 -8.77
N GLU D 281 -22.13 -44.59 -8.25
CA GLU D 281 -21.81 -44.55 -6.81
C GLU D 281 -23.08 -44.39 -5.97
N LYS D 282 -23.85 -43.33 -6.19
CA LYS D 282 -25.10 -43.09 -5.46
C LYS D 282 -26.30 -43.97 -5.93
N ARG D 283 -26.02 -45.17 -6.46
CA ARG D 283 -27.02 -46.01 -7.12
C ARG D 283 -28.03 -45.16 -7.89
N LEU D 284 -27.62 -44.67 -9.06
CA LEU D 284 -28.42 -43.73 -9.89
C LEU D 284 -28.27 -43.97 -11.42
N GLN D 285 -27.94 -45.20 -11.81
CA GLN D 285 -27.55 -45.51 -13.20
C GLN D 285 -28.76 -45.40 -14.10
N ASN D 286 -29.89 -45.83 -13.52
CA ASN D 286 -31.17 -45.82 -14.20
C ASN D 286 -31.73 -44.41 -14.41
N SER D 287 -31.22 -43.44 -13.65
CA SER D 287 -31.64 -42.03 -13.80
C SER D 287 -31.30 -41.44 -15.15
N VAL D 288 -32.00 -40.35 -15.44
CA VAL D 288 -31.86 -39.66 -16.71
C VAL D 288 -30.43 -39.13 -16.82
N ASN D 289 -29.72 -39.42 -17.92
CA ASN D 289 -28.42 -38.78 -18.22
C ASN D 289 -28.59 -37.27 -18.14
N PRO D 290 -27.74 -36.56 -17.32
CA PRO D 290 -27.89 -35.12 -17.19
C PRO D 290 -27.44 -34.32 -18.44
N PHE D 291 -26.44 -34.81 -19.15
CA PHE D 291 -25.86 -34.05 -20.28
C PHE D 291 -26.72 -33.91 -21.52
N VAL D 292 -27.66 -34.84 -21.71
CA VAL D 292 -28.62 -34.73 -22.83
C VAL D 292 -29.41 -33.44 -22.75
N VAL D 293 -29.67 -32.98 -21.53
CA VAL D 293 -30.48 -31.79 -21.34
C VAL D 293 -29.58 -30.55 -21.34
N LEU D 294 -28.31 -30.72 -20.98
CA LEU D 294 -27.27 -29.68 -21.17
C LEU D 294 -26.77 -29.67 -22.66
N LYS D 295 -27.60 -29.05 -23.51
CA LYS D 295 -27.51 -29.12 -24.97
C LYS D 295 -28.49 -28.10 -25.60
FE FE E . 4.22 -16.77 -4.43
FE FE F . 3.38 -14.98 -7.05
CAA 6Y0 G . 9.99 -20.11 -12.59
CAH 6Y0 G . 8.62 -20.63 -12.11
CAI 6Y0 G . 8.64 -20.80 -10.57
CAJ 6Y0 G . 7.35 -21.49 -10.09
CAM 6Y0 G . 7.12 -21.30 -8.71
CAG 6Y0 G . 7.36 -22.36 -7.84
CAO 6Y0 G . 7.12 -22.21 -6.46
OAB 6Y0 G . 7.44 -23.14 -5.71
OAK 6Y0 G . 6.50 -21.11 -5.96
CAQ 6Y0 G . 6.22 -20.06 -6.80
CAP 6Y0 G . 6.53 -20.14 -8.18
CAF 6Y0 G . 6.26 -18.99 -8.96
CAE 6Y0 G . 5.66 -17.83 -8.40
CAL 6Y0 G . 5.33 -17.80 -7.03
OAC 6Y0 G . 4.75 -16.74 -6.43
CAN 6Y0 G . 5.61 -18.91 -6.25
OAD 6Y0 G . 5.28 -18.86 -4.93
FE FE H . 0.78 17.67 1.12
FE FE I . 3.30 16.58 2.84
CAA 6Y0 J . 9.55 23.15 0.24
CAH 6Y0 J . 8.68 23.83 1.32
CAI 6Y0 J . 7.18 23.66 1.00
CAJ 6Y0 J . 6.28 23.91 2.24
CAM 6Y0 J . 4.94 23.66 1.85
CAG 6Y0 J . 4.17 24.74 1.44
CAO 6Y0 J . 2.88 24.54 0.97
OAB 6Y0 J . 2.27 25.54 0.61
OAK 6Y0 J . 2.31 23.26 0.90
CAQ 6Y0 J . 3.07 22.16 1.27
CAP 6Y0 J . 4.38 22.35 1.76
CAF 6Y0 J . 5.09 21.18 2.11
CAE 6Y0 J . 4.51 19.89 1.98
CAL 6Y0 J . 3.20 19.74 1.52
OAC 6Y0 J . 2.58 18.56 1.38
CAN 6Y0 J . 2.50 20.87 1.16
OAD 6Y0 J . 1.25 20.68 0.70
FE FE K . 8.81 39.24 26.33
FE FE L . 5.90 38.90 26.86
CAA 6Y0 M . 3.97 43.53 18.98
CAH 6Y0 M . 4.43 42.12 18.63
CAI 6Y0 M . 5.97 42.06 18.62
CAJ 6Y0 M . 6.46 40.60 18.61
CAM 6Y0 M . 7.56 40.42 19.49
CAG 6Y0 M . 8.85 40.45 18.92
CAO 6Y0 M . 9.97 40.27 19.74
OAB 6Y0 M . 11.07 40.33 19.19
OAK 6Y0 M . 9.85 40.03 21.09
CAQ 6Y0 M . 8.59 40.02 21.67
CAP 6Y0 M . 7.43 40.20 20.88
CAF 6Y0 M . 6.19 40.18 21.57
CAE 6Y0 M . 6.12 39.99 22.96
CAL 6Y0 M . 7.29 39.79 23.71
OAC 6Y0 M . 7.28 39.58 25.04
CAN 6Y0 M . 8.52 39.81 23.06
OAD 6Y0 M . 9.68 39.62 23.77
FE FE N . -8.33 -39.19 -26.77
FE FE O . -9.92 -39.57 -24.17
CAA 6Y0 P . -2.21 -43.22 -20.06
CAH 6Y0 P . -2.53 -41.71 -20.08
CAI 6Y0 P . -2.23 -41.15 -21.46
CAJ 6Y0 P . -2.59 -39.67 -21.57
CAM 6Y0 P . -3.01 -39.31 -22.89
CAG 6Y0 P . -2.08 -38.75 -23.78
CAO 6Y0 P . -2.45 -38.37 -25.10
OAB 6Y0 P . -1.59 -37.92 -25.83
OAK 6Y0 P . -3.73 -38.50 -25.53
CAQ 6Y0 P . -4.66 -39.08 -24.68
CAP 6Y0 P . -4.32 -39.49 -23.36
CAF 6Y0 P . -5.34 -40.10 -22.60
CAE 6Y0 P . -6.64 -40.29 -23.12
CAL 6Y0 P . -6.93 -39.86 -24.41
OAC 6Y0 P . -8.16 -39.98 -24.97
CAN 6Y0 P . -5.94 -39.26 -25.18
OAD 6Y0 P . -6.21 -38.84 -26.44
#